data_4RPB
#
_entry.id   4RPB
#
_cell.length_a   166.640
_cell.length_b   96.170
_cell.length_c   64.120
_cell.angle_alpha   90.00
_cell.angle_beta   90.00
_cell.angle_gamma   90.00
#
_symmetry.space_group_name_H-M   'C 1 2 1'
#
loop_
_entity.id
_entity.type
_entity.pdbx_description
1 polymer 'Capsid protein VP1'
2 non-polymer 1,2-ETHANEDIOL
3 water water
#
_entity_poly.entity_id   1
_entity_poly.type   'polypeptide(L)'
_entity_poly.pdbx_seq_one_letter_code
;GSKPFTLPILTLGELSNSRFPVSIDQMYTSPNEVISVQCQNGRCTLDGELQGTTQLQVSGICAFKGEVTAHLQDNGTLYN
ITITNLNGSPFDPSEDIPAPLGVPDFQGRVFGVITQRDKQNAAGQSQPANRGHDAVVPTYTAQYTPKLGQVQIGTWQTDD
LKVNQPVKFTPVGLNDTEHFNQWVVPRYAGALNLNTNLAPSVAPVFPGERLLFFRSYLPLKGGYGNPAIDCLLPQEWVQH
FYQEAAPSMSEVALVRYINPDTGRALFEAKLHRAGFMTVSSNTSAPVVVPANGYFRFDSWVNQFYSLAPM
;
_entity_poly.pdbx_strand_id   A,B,C
#
loop_
_chem_comp.id
_chem_comp.type
_chem_comp.name
_chem_comp.formula
EDO non-polymer 1,2-ETHANEDIOL 'C2 H6 O2'
#
# COMPACT_ATOMS: atom_id res chain seq x y z
N LYS A 3 10.46 -33.00 -19.09
CA LYS A 3 9.37 -32.08 -18.84
C LYS A 3 9.76 -30.66 -19.23
N PRO A 4 8.92 -29.97 -20.04
CA PRO A 4 9.27 -28.61 -20.43
C PRO A 4 9.24 -27.62 -19.26
N PHE A 5 10.22 -26.73 -19.24
CA PHE A 5 10.30 -25.69 -18.21
C PHE A 5 9.27 -24.60 -18.48
N THR A 6 8.62 -24.14 -17.41
CA THR A 6 7.65 -23.05 -17.49
C THR A 6 7.76 -22.10 -16.32
N LEU A 7 7.23 -20.90 -16.52
CA LEU A 7 7.00 -19.95 -15.45
C LEU A 7 5.53 -20.01 -15.06
N PRO A 8 5.21 -19.71 -13.79
CA PRO A 8 3.78 -19.52 -13.54
C PRO A 8 3.27 -18.28 -14.25
N ILE A 9 1.98 -18.25 -14.57
CA ILE A 9 1.42 -17.09 -15.25
C ILE A 9 0.83 -16.15 -14.21
N LEU A 10 1.59 -15.14 -13.85
CA LEU A 10 1.21 -14.23 -12.77
C LEU A 10 1.64 -12.82 -13.11
N THR A 11 0.72 -11.87 -12.95
CA THR A 11 1.02 -10.46 -13.16
C THR A 11 1.82 -9.94 -11.97
N LEU A 12 2.38 -8.75 -12.11
CA LEU A 12 3.15 -8.17 -11.01
C LEU A 12 2.29 -8.05 -9.75
N GLY A 13 1.02 -7.71 -9.92
CA GLY A 13 0.11 -7.59 -8.79
C GLY A 13 -0.23 -8.91 -8.11
N GLU A 14 0.22 -10.02 -8.70
CA GLU A 14 0.00 -11.35 -8.14
C GLU A 14 1.29 -12.01 -7.67
N LEU A 15 2.35 -11.22 -7.57
CA LEU A 15 3.66 -11.73 -7.17
C LEU A 15 4.05 -11.24 -5.79
N SER A 16 4.71 -12.14 -5.07
CA SER A 16 5.16 -11.96 -3.69
C SER A 16 6.66 -11.89 -3.58
N ASN A 17 7.16 -11.02 -2.71
CA ASN A 17 8.59 -10.98 -2.42
C ASN A 17 9.01 -12.26 -1.70
N SER A 18 10.16 -12.80 -2.05
CA SER A 18 10.66 -14.04 -1.45
C SER A 18 11.62 -13.76 -0.30
N ARG A 19 11.93 -12.48 -0.05
CA ARG A 19 12.86 -12.13 1.02
C ARG A 19 12.20 -11.35 2.17
N PHE A 20 10.94 -10.96 1.98
CA PHE A 20 10.15 -10.38 3.05
C PHE A 20 8.69 -10.63 2.69
N PRO A 21 7.83 -10.94 3.69
CA PRO A 21 6.48 -11.41 3.34
C PRO A 21 5.49 -10.29 2.97
N VAL A 22 5.77 -9.66 1.83
CA VAL A 22 4.96 -8.57 1.31
C VAL A 22 4.85 -8.73 -0.19
N SER A 23 3.89 -8.01 -0.77
CA SER A 23 3.67 -8.04 -2.21
C SER A 23 4.78 -7.29 -2.95
N ILE A 24 5.01 -7.69 -4.19
CA ILE A 24 5.95 -6.96 -5.04
C ILE A 24 5.36 -5.59 -5.43
N ASP A 25 6.20 -4.56 -5.44
CA ASP A 25 5.76 -3.23 -5.84
C ASP A 25 6.22 -2.87 -7.26
N GLN A 26 7.45 -3.24 -7.59
CA GLN A 26 8.04 -2.90 -8.90
C GLN A 26 9.05 -3.93 -9.32
N MET A 27 9.31 -4.00 -10.63
CA MET A 27 10.57 -4.58 -11.08
C MET A 27 11.57 -3.43 -11.14
N TYR A 28 12.82 -3.71 -10.83
CA TYR A 28 13.81 -2.65 -10.66
C TYR A 28 15.17 -3.17 -11.12
N THR A 29 15.89 -2.35 -11.88
CA THR A 29 17.21 -2.75 -12.36
C THR A 29 18.30 -2.33 -11.37
N SER A 30 19.31 -3.18 -11.21
CA SER A 30 20.28 -2.99 -10.13
C SER A 30 21.11 -1.72 -10.29
N PRO A 31 21.43 -1.06 -9.17
CA PRO A 31 22.31 0.12 -9.20
C PRO A 31 23.70 -0.25 -9.71
N ASN A 32 24.46 0.75 -10.16
CA ASN A 32 25.79 0.51 -10.68
C ASN A 32 26.67 -0.15 -9.64
N GLU A 33 26.46 0.22 -8.37
CA GLU A 33 27.26 -0.29 -7.26
C GLU A 33 26.94 -1.74 -6.92
N VAL A 34 25.80 -2.24 -7.37
CA VAL A 34 25.38 -3.61 -7.05
C VAL A 34 25.65 -4.53 -8.24
N ILE A 35 26.83 -5.15 -8.24
CA ILE A 35 27.28 -6.00 -9.34
C ILE A 35 27.27 -7.48 -8.98
N SER A 36 27.19 -7.78 -7.69
CA SER A 36 27.14 -9.16 -7.20
C SER A 36 26.31 -9.21 -5.92
N VAL A 37 25.44 -10.22 -5.78
CA VAL A 37 24.66 -10.39 -4.56
C VAL A 37 24.62 -11.87 -4.13
N GLN A 38 24.28 -12.11 -2.88
CA GLN A 38 24.29 -13.46 -2.35
C GLN A 38 23.22 -13.62 -1.30
N CYS A 39 22.02 -13.13 -1.60
CA CYS A 39 20.91 -13.30 -0.66
C CYS A 39 20.60 -14.79 -0.51
N GLN A 40 19.93 -15.15 0.59
CA GLN A 40 19.78 -16.56 0.97
C GLN A 40 18.32 -17.01 0.98
N ASN A 41 17.39 -16.07 1.08
CA ASN A 41 15.98 -16.37 0.85
C ASN A 41 15.63 -16.07 -0.62
N GLY A 42 14.61 -16.75 -1.12
CA GLY A 42 14.23 -16.64 -2.51
C GLY A 42 15.27 -17.22 -3.47
N ARG A 43 15.94 -18.28 -3.03
CA ARG A 43 16.96 -18.95 -3.82
C ARG A 43 16.49 -20.35 -4.22
N CYS A 44 16.48 -20.57 -5.53
CA CYS A 44 15.98 -21.80 -6.11
C CYS A 44 16.50 -21.93 -7.53
N THR A 45 17.05 -23.10 -7.86
CA THR A 45 17.45 -23.35 -9.24
C THR A 45 16.22 -23.52 -10.12
N LEU A 46 16.40 -23.37 -11.43
CA LEU A 46 15.28 -23.46 -12.33
C LEU A 46 14.67 -24.87 -12.33
N ASP A 47 15.43 -25.89 -11.95
CA ASP A 47 14.87 -27.24 -11.88
C ASP A 47 14.34 -27.58 -10.48
N GLY A 48 14.22 -26.57 -9.62
CA GLY A 48 13.42 -26.69 -8.42
C GLY A 48 14.14 -27.07 -7.14
N GLU A 49 15.45 -26.84 -7.09
CA GLU A 49 16.21 -27.10 -5.89
CA GLU A 49 16.23 -27.10 -5.90
C GLU A 49 16.33 -25.83 -5.05
N LEU A 50 15.66 -25.83 -3.90
CA LEU A 50 15.73 -24.70 -2.98
C LEU A 50 17.11 -24.64 -2.36
N GLN A 51 17.61 -23.42 -2.14
CA GLN A 51 18.96 -23.23 -1.60
C GLN A 51 18.98 -22.19 -0.50
N GLY A 52 20.13 -22.06 0.15
CA GLY A 52 20.28 -21.11 1.24
C GLY A 52 19.35 -21.43 2.39
N THR A 53 18.64 -20.42 2.84
CA THR A 53 17.66 -20.56 3.90
C THR A 53 16.23 -20.56 3.34
N THR A 54 16.11 -20.84 2.05
CA THR A 54 14.81 -20.73 1.38
C THR A 54 13.88 -21.88 1.75
N GLN A 55 12.64 -21.53 2.07
CA GLN A 55 11.57 -22.50 2.28
C GLN A 55 10.32 -21.98 1.57
N LEU A 56 9.26 -22.78 1.54
CA LEU A 56 8.19 -22.56 0.58
C LEU A 56 7.09 -21.63 1.07
N GLN A 57 6.94 -21.46 2.37
CA GLN A 57 5.83 -20.69 2.94
C GLN A 57 6.12 -19.20 3.06
N VAL A 58 5.22 -18.37 2.56
CA VAL A 58 5.32 -16.92 2.76
C VAL A 58 5.37 -16.61 4.25
N SER A 59 4.58 -17.33 5.04
CA SER A 59 4.54 -17.08 6.48
C SER A 59 5.83 -17.48 7.20
N GLY A 60 6.77 -18.09 6.49
CA GLY A 60 8.07 -18.43 7.05
C GLY A 60 9.15 -17.39 6.79
N ILE A 61 8.91 -16.49 5.83
CA ILE A 61 9.95 -15.55 5.40
C ILE A 61 10.17 -14.46 6.46
N CYS A 62 11.38 -14.43 6.99
CA CYS A 62 11.78 -13.50 8.07
C CYS A 62 10.99 -13.73 9.35
N ALA A 63 10.38 -14.91 9.46
CA ALA A 63 9.73 -15.31 10.69
C ALA A 63 10.58 -16.36 11.39
N PHE A 64 10.34 -16.55 12.67
CA PHE A 64 10.95 -17.65 13.39
C PHE A 64 10.11 -18.01 14.60
N LYS A 65 10.41 -19.18 15.14
CA LYS A 65 9.78 -19.69 16.35
C LYS A 65 10.90 -20.11 17.29
N GLY A 66 10.59 -20.20 18.58
CA GLY A 66 11.60 -20.62 19.52
C GLY A 66 11.04 -20.59 20.93
N GLU A 67 11.96 -20.63 21.90
CA GLU A 67 11.63 -20.55 23.31
C GLU A 67 12.44 -19.42 23.94
N VAL A 68 11.80 -18.62 24.79
CA VAL A 68 12.52 -17.63 25.57
C VAL A 68 13.39 -18.35 26.58
N THR A 69 14.69 -18.03 26.61
CA THR A 69 15.58 -18.66 27.59
C THR A 69 16.00 -17.71 28.69
N ALA A 70 15.92 -16.41 28.43
CA ALA A 70 16.31 -15.42 29.42
C ALA A 70 15.63 -14.08 29.20
N HIS A 71 15.24 -13.46 30.31
CA HIS A 71 14.80 -12.06 30.34
C HIS A 71 15.89 -11.26 31.01
N LEU A 72 16.43 -10.29 30.31
CA LEU A 72 17.57 -9.56 30.78
C LEU A 72 17.25 -8.42 31.71
N THR A 77 14.29 -5.17 28.94
CA THR A 77 13.71 -4.97 27.62
C THR A 77 14.20 -6.01 26.62
N LEU A 78 15.25 -6.75 26.99
CA LEU A 78 15.90 -7.69 26.09
C LEU A 78 15.56 -9.13 26.45
N TYR A 79 15.43 -9.99 25.44
CA TYR A 79 15.19 -11.42 25.65
C TYR A 79 16.06 -12.27 24.75
N ASN A 80 16.64 -13.33 25.31
CA ASN A 80 17.30 -14.36 24.49
C ASN A 80 16.28 -15.41 24.07
N ILE A 81 16.32 -15.75 22.79
CA ILE A 81 15.45 -16.77 22.21
C ILE A 81 16.25 -17.92 21.67
N THR A 82 15.95 -19.13 22.14
CA THR A 82 16.48 -20.33 21.50
C THR A 82 15.55 -20.68 20.37
N ILE A 83 16.05 -20.58 19.13
CA ILE A 83 15.17 -20.74 17.99
C ILE A 83 15.03 -22.21 17.59
N THR A 84 13.90 -22.53 17.02
CA THR A 84 13.62 -23.86 16.51
C THR A 84 13.48 -23.75 14.99
N ASN A 85 13.21 -24.87 14.34
CA ASN A 85 12.73 -24.80 12.97
C ASN A 85 11.31 -24.23 12.97
N LEU A 86 10.83 -23.78 11.82
CA LEU A 86 9.51 -23.20 11.74
C LEU A 86 8.39 -24.16 12.09
N ASN A 87 8.64 -25.46 11.95
CA ASN A 87 7.63 -26.44 12.32
C ASN A 87 7.65 -26.74 13.82
N GLY A 88 8.53 -26.06 14.55
CA GLY A 88 8.60 -26.22 15.99
C GLY A 88 9.59 -27.25 16.45
N SER A 89 10.13 -28.05 15.53
CA SER A 89 11.11 -29.06 15.90
C SER A 89 12.44 -28.41 16.25
N PRO A 90 13.20 -29.03 17.16
CA PRO A 90 14.48 -28.42 17.54
C PRO A 90 15.41 -28.23 16.36
N PHE A 91 16.13 -27.10 16.35
CA PHE A 91 17.10 -26.84 15.29
C PHE A 91 18.41 -27.50 15.62
N ASP A 92 18.91 -28.29 14.68
CA ASP A 92 20.18 -28.98 14.80
C ASP A 92 21.24 -28.17 14.05
N PRO A 93 22.16 -27.51 14.77
CA PRO A 93 23.17 -26.70 14.10
C PRO A 93 24.04 -27.50 13.11
N SER A 94 24.04 -28.82 13.25
CA SER A 94 24.82 -29.66 12.36
C SER A 94 24.14 -29.83 10.99
N GLU A 95 22.87 -29.44 10.90
CA GLU A 95 22.15 -29.56 9.63
C GLU A 95 22.83 -28.72 8.55
N ASP A 96 22.85 -29.23 7.33
CA ASP A 96 23.61 -28.61 6.25
C ASP A 96 22.87 -27.42 5.61
N ILE A 97 22.46 -26.47 6.45
CA ILE A 97 21.87 -25.22 5.98
C ILE A 97 22.53 -24.07 6.73
N PRO A 98 22.48 -22.84 6.18
CA PRO A 98 23.18 -21.71 6.81
C PRO A 98 22.62 -21.33 8.18
N ALA A 99 21.35 -21.63 8.38
CA ALA A 99 20.61 -21.21 9.55
C ALA A 99 19.22 -21.80 9.36
N PRO A 100 18.37 -21.76 10.41
CA PRO A 100 17.01 -22.26 10.19
C PRO A 100 16.34 -21.61 8.99
N LEU A 101 15.62 -22.40 8.20
CA LEU A 101 15.01 -21.85 7.00
C LEU A 101 14.07 -20.72 7.36
N GLY A 102 14.13 -19.65 6.56
CA GLY A 102 13.29 -18.49 6.72
C GLY A 102 13.89 -17.30 7.42
N VAL A 103 14.95 -17.46 8.21
CA VAL A 103 15.44 -16.32 9.00
C VAL A 103 15.95 -15.22 8.06
N PRO A 104 15.93 -13.96 8.53
CA PRO A 104 16.40 -12.84 7.70
C PRO A 104 17.81 -13.04 7.13
N ASP A 105 17.99 -12.65 5.87
CA ASP A 105 19.25 -12.83 5.15
C ASP A 105 19.95 -11.51 4.88
N PHE A 106 19.59 -10.48 5.63
CA PHE A 106 20.16 -9.15 5.45
C PHE A 106 20.45 -8.49 6.79
N GLN A 107 21.36 -7.53 6.78
CA GLN A 107 21.60 -6.69 7.93
C GLN A 107 20.48 -5.69 8.09
N GLY A 108 19.94 -5.57 9.30
CA GLY A 108 18.94 -4.55 9.57
C GLY A 108 18.31 -4.74 10.93
N ARG A 109 17.37 -3.86 11.26
CA ARG A 109 16.60 -3.96 12.49
C ARG A 109 15.18 -4.35 12.14
N VAL A 110 14.91 -5.65 12.16
CA VAL A 110 13.62 -6.15 11.72
C VAL A 110 12.59 -5.93 12.81
N PHE A 111 11.46 -5.33 12.42
CA PHE A 111 10.38 -5.03 13.36
C PHE A 111 9.21 -5.98 13.12
N GLY A 112 8.63 -6.47 14.20
CA GLY A 112 7.45 -7.30 14.11
C GLY A 112 6.85 -7.47 15.47
N VAL A 113 6.03 -8.51 15.62
CA VAL A 113 5.40 -8.80 16.90
C VAL A 113 5.79 -10.19 17.36
N ILE A 114 6.22 -10.28 18.60
CA ILE A 114 6.47 -11.55 19.25
C ILE A 114 5.20 -11.92 20.04
N THR A 115 4.68 -13.12 19.79
CA THR A 115 3.54 -13.62 20.56
C THR A 115 3.94 -14.91 21.27
N GLN A 116 3.26 -15.17 22.39
CA GLN A 116 3.61 -16.28 23.25
C GLN A 116 2.35 -16.96 23.76
N ARG A 117 2.25 -18.26 23.53
CA ARG A 117 1.15 -19.07 24.04
C ARG A 117 1.74 -20.12 24.97
N ASP A 118 1.32 -20.12 26.23
CA ASP A 118 1.91 -21.03 27.20
C ASP A 118 1.63 -22.49 26.85
N LYS A 119 2.56 -23.36 27.23
CA LYS A 119 2.51 -24.78 26.89
C LYS A 119 1.45 -25.58 27.61
N GLN A 120 1.05 -25.10 28.75
CA GLN A 120 0.07 -25.80 29.55
C GLN A 120 -0.94 -24.83 30.11
N ASN A 121 -2.10 -25.35 30.46
CA ASN A 121 -3.18 -24.56 31.03
C ASN A 121 -3.01 -24.39 32.53
N ALA A 122 -3.38 -23.22 33.04
CA ALA A 122 -3.46 -23.01 34.48
C ALA A 122 -4.66 -23.76 35.06
N ALA A 123 -4.61 -24.02 36.36
CA ALA A 123 -5.72 -24.67 37.03
C ALA A 123 -6.97 -23.81 36.86
N GLY A 124 -8.08 -24.42 36.45
CA GLY A 124 -9.32 -23.69 36.27
C GLY A 124 -9.47 -23.02 34.93
N GLN A 125 -8.50 -23.21 34.05
CA GLN A 125 -8.54 -22.64 32.70
C GLN A 125 -8.53 -23.79 31.69
N SER A 126 -9.40 -23.70 30.69
CA SER A 126 -9.46 -24.72 29.65
C SER A 126 -8.56 -24.37 28.47
N GLN A 127 -8.02 -23.16 28.48
CA GLN A 127 -7.15 -22.69 27.40
C GLN A 127 -5.92 -22.01 27.98
N PRO A 128 -4.82 -22.00 27.22
CA PRO A 128 -3.57 -21.41 27.69
C PRO A 128 -3.58 -19.89 27.73
N ALA A 129 -2.72 -19.31 28.58
CA ALA A 129 -2.56 -17.86 28.63
C ALA A 129 -1.73 -17.36 27.45
N ASN A 130 -1.93 -16.10 27.09
CA ASN A 130 -1.24 -15.49 25.95
C ASN A 130 -0.72 -14.10 26.27
N ARG A 131 0.34 -13.72 25.59
CA ARG A 131 0.83 -12.35 25.65
C ARG A 131 1.61 -12.08 24.38
N GLY A 132 1.72 -10.82 24.00
CA GLY A 132 2.48 -10.46 22.82
C GLY A 132 2.87 -9.01 22.84
N HIS A 133 3.97 -8.70 22.18
CA HIS A 133 4.51 -7.34 22.20
C HIS A 133 5.29 -7.05 20.92
N ASP A 134 5.31 -5.80 20.51
CA ASP A 134 6.22 -5.36 19.47
C ASP A 134 7.64 -5.76 19.81
N ALA A 135 8.39 -6.17 18.80
CA ALA A 135 9.78 -6.56 19.01
C ALA A 135 10.67 -6.15 17.85
N VAL A 136 11.94 -5.92 18.18
CA VAL A 136 12.94 -5.65 17.17
C VAL A 136 13.99 -6.76 17.23
N VAL A 137 14.37 -7.22 16.04
CA VAL A 137 15.38 -8.25 15.89
C VAL A 137 16.53 -7.68 15.08
N PRO A 138 17.62 -7.26 15.76
CA PRO A 138 18.80 -6.82 15.01
C PRO A 138 19.51 -8.01 14.41
N THR A 139 19.89 -7.92 13.15
CA THR A 139 20.50 -9.07 12.47
C THR A 139 21.98 -8.85 12.18
N TYR A 140 22.48 -7.65 12.52
CA TYR A 140 23.86 -7.24 12.20
C TYR A 140 24.79 -7.30 13.41
N THR A 141 24.26 -7.62 14.59
CA THR A 141 25.06 -7.65 15.81
C THR A 141 25.48 -9.08 16.16
N ALA A 142 26.41 -9.18 17.12
CA ALA A 142 26.91 -10.47 17.56
C ALA A 142 25.85 -11.31 18.26
N GLN A 143 24.73 -10.68 18.63
CA GLN A 143 23.64 -11.39 19.29
C GLN A 143 22.78 -12.20 18.30
N TYR A 144 22.87 -11.88 17.02
CA TYR A 144 22.13 -12.63 16.00
C TYR A 144 22.93 -13.85 15.55
N THR A 145 22.71 -14.98 16.22
CA THR A 145 23.43 -16.21 15.89
C THR A 145 22.47 -17.38 15.71
N PRO A 146 21.56 -17.28 14.72
CA PRO A 146 20.56 -18.34 14.52
C PRO A 146 21.19 -19.71 14.20
N LYS A 147 22.34 -19.73 13.55
CA LYS A 147 23.00 -21.00 13.26
C LYS A 147 23.50 -21.68 14.53
N LEU A 148 23.79 -20.89 15.56
CA LEU A 148 24.16 -21.44 16.87
C LEU A 148 22.91 -21.70 17.72
N GLY A 149 21.76 -21.32 17.19
CA GLY A 149 20.49 -21.62 17.84
C GLY A 149 19.90 -20.52 18.71
N GLN A 150 20.47 -19.31 18.64
CA GLN A 150 19.99 -18.21 19.49
C GLN A 150 19.96 -16.86 18.79
N VAL A 151 18.90 -16.10 19.03
CA VAL A 151 18.85 -14.70 18.65
C VAL A 151 18.38 -13.89 19.86
N GLN A 152 18.63 -12.59 19.84
CA GLN A 152 18.18 -11.70 20.90
C GLN A 152 17.17 -10.72 20.31
N ILE A 153 16.12 -10.44 21.07
CA ILE A 153 15.11 -9.48 20.66
C ILE A 153 14.97 -8.39 21.72
N GLY A 154 14.45 -7.24 21.31
CA GLY A 154 14.13 -6.16 22.24
C GLY A 154 12.67 -5.77 22.15
N THR A 155 12.03 -5.50 23.29
CA THR A 155 10.62 -5.15 23.33
C THR A 155 10.38 -3.80 24.02
N ASP A 160 5.35 -8.71 30.21
CA ASP A 160 6.64 -9.25 29.82
C ASP A 160 6.47 -10.52 28.99
N LEU A 161 7.55 -11.31 28.90
CA LEU A 161 7.50 -12.64 28.29
C LEU A 161 8.00 -13.65 29.31
N LYS A 162 7.46 -14.86 29.24
CA LYS A 162 7.83 -15.92 30.17
C LYS A 162 9.00 -16.72 29.64
N VAL A 163 9.91 -17.10 30.52
CA VAL A 163 11.01 -17.98 30.15
C VAL A 163 10.49 -19.41 29.95
N ASN A 164 11.11 -20.12 29.02
CA ASN A 164 10.75 -21.51 28.71
C ASN A 164 9.30 -21.66 28.29
N GLN A 165 8.78 -20.63 27.62
CA GLN A 165 7.50 -20.72 26.92
C GLN A 165 7.72 -20.33 25.47
N PRO A 166 7.02 -20.99 24.53
CA PRO A 166 7.31 -20.80 23.11
C PRO A 166 6.85 -19.47 22.56
N VAL A 167 7.60 -18.94 21.61
CA VAL A 167 7.25 -17.70 20.93
C VAL A 167 7.19 -17.86 19.43
N LYS A 168 6.44 -16.96 18.81
CA LYS A 168 6.42 -16.80 17.36
C LYS A 168 6.76 -15.36 17.05
N PHE A 169 7.66 -15.14 16.10
CA PHE A 169 7.90 -13.79 15.59
C PHE A 169 7.24 -13.59 14.25
N THR A 170 6.32 -12.65 14.19
CA THR A 170 5.65 -12.26 12.95
C THR A 170 6.28 -10.97 12.44
N PRO A 171 6.98 -11.04 11.30
CA PRO A 171 7.60 -9.80 10.81
C PRO A 171 6.60 -8.80 10.26
N VAL A 172 6.89 -7.51 10.39
CA VAL A 172 6.04 -6.46 9.82
C VAL A 172 6.85 -5.54 8.91
N GLY A 173 8.05 -5.18 9.33
CA GLY A 173 8.88 -4.31 8.50
C GLY A 173 10.22 -4.11 9.15
N LEU A 174 10.79 -2.92 8.98
CA LEU A 174 11.99 -2.52 9.68
C LEU A 174 11.63 -1.53 10.77
N ASN A 175 12.39 -1.52 11.86
CA ASN A 175 12.16 -0.55 12.92
C ASN A 175 12.49 0.85 12.43
N ASP A 176 13.58 0.90 11.68
CA ASP A 176 14.13 2.14 11.12
C ASP A 176 15.16 1.68 10.09
N THR A 177 15.82 2.61 9.42
CA THR A 177 16.76 2.25 8.36
C THR A 177 18.19 2.12 8.86
N GLU A 178 18.41 2.32 10.15
CA GLU A 178 19.76 2.22 10.69
C GLU A 178 20.29 0.80 10.50
N HIS A 179 21.47 0.71 9.90
CA HIS A 179 22.18 -0.55 9.65
C HIS A 179 21.45 -1.47 8.68
N PHE A 180 20.54 -0.92 7.88
CA PHE A 180 19.85 -1.71 6.86
C PHE A 180 20.66 -1.81 5.58
N ASN A 181 21.30 -2.97 5.41
CA ASN A 181 22.12 -3.23 4.24
C ASN A 181 21.67 -4.53 3.62
N GLN A 182 20.79 -4.44 2.62
CA GLN A 182 20.08 -5.62 2.17
C GLN A 182 20.96 -6.67 1.50
N TRP A 183 22.16 -6.27 1.08
CA TRP A 183 23.05 -7.20 0.38
C TRP A 183 24.19 -7.73 1.25
N VAL A 184 24.18 -7.39 2.54
CA VAL A 184 25.16 -7.94 3.46
C VAL A 184 24.52 -9.11 4.22
N VAL A 185 24.99 -10.32 3.94
CA VAL A 185 24.47 -11.51 4.62
C VAL A 185 24.94 -11.52 6.07
N PRO A 186 24.02 -11.77 7.02
CA PRO A 186 24.44 -11.82 8.43
C PRO A 186 25.48 -12.89 8.71
N ARG A 187 26.21 -12.74 9.81
CA ARG A 187 27.05 -13.81 10.31
CA ARG A 187 27.06 -13.81 10.33
C ARG A 187 26.16 -14.74 11.13
N TYR A 188 25.57 -15.73 10.48
CA TYR A 188 24.58 -16.57 11.11
C TYR A 188 25.08 -17.29 12.36
N ALA A 189 26.38 -17.52 12.43
CA ALA A 189 26.98 -18.20 13.59
C ALA A 189 27.96 -17.29 14.32
N GLY A 190 27.84 -15.99 14.10
CA GLY A 190 28.73 -15.03 14.74
C GLY A 190 30.05 -14.87 14.01
N ALA A 191 30.85 -13.92 14.46
CA ALA A 191 32.09 -13.53 13.78
C ALA A 191 33.20 -14.59 13.86
N LEU A 192 33.09 -15.52 14.80
CA LEU A 192 34.09 -16.56 14.96
C LEU A 192 33.95 -17.67 13.92
N ASN A 193 32.78 -17.76 13.30
CA ASN A 193 32.49 -18.84 12.36
C ASN A 193 32.13 -18.35 10.96
N LEU A 194 32.70 -19.00 9.93
CA LEU A 194 32.26 -18.74 8.57
C LEU A 194 30.83 -19.22 8.40
N ASN A 195 30.06 -18.53 7.56
CA ASN A 195 28.76 -19.06 7.14
C ASN A 195 29.01 -20.33 6.34
N THR A 196 28.05 -21.24 6.39
CA THR A 196 28.17 -22.52 5.69
C THR A 196 26.94 -22.80 4.85
N ASN A 197 27.11 -23.63 3.82
CA ASN A 197 26.01 -24.08 2.98
C ASN A 197 25.24 -22.93 2.34
N LEU A 198 25.93 -21.83 2.03
CA LEU A 198 25.28 -20.68 1.41
C LEU A 198 24.88 -20.95 -0.03
N ALA A 199 23.73 -20.39 -0.43
CA ALA A 199 23.41 -20.27 -1.85
C ALA A 199 24.51 -19.41 -2.48
N PRO A 200 24.97 -19.78 -3.69
CA PRO A 200 26.10 -19.05 -4.25
C PRO A 200 25.79 -17.62 -4.65
N SER A 201 26.82 -16.79 -4.72
CA SER A 201 26.67 -15.45 -5.24
C SER A 201 26.26 -15.49 -6.71
N VAL A 202 25.50 -14.47 -7.14
CA VAL A 202 25.10 -14.35 -8.54
C VAL A 202 25.51 -12.98 -9.06
N ALA A 203 25.81 -12.92 -10.36
CA ALA A 203 26.22 -11.66 -10.97
C ALA A 203 26.04 -11.71 -12.49
N PRO A 204 25.83 -10.54 -13.11
CA PRO A 204 25.94 -10.49 -14.57
C PRO A 204 27.37 -10.79 -15.01
N VAL A 205 27.55 -11.46 -16.13
CA VAL A 205 28.90 -11.69 -16.66
C VAL A 205 29.02 -11.22 -18.12
N PHE A 206 27.97 -10.58 -18.62
CA PHE A 206 27.96 -9.99 -19.96
C PHE A 206 28.03 -8.48 -19.79
N PRO A 207 29.03 -7.81 -20.39
CA PRO A 207 29.10 -6.36 -20.17
C PRO A 207 27.85 -5.62 -20.62
N GLY A 208 27.37 -4.71 -19.78
CA GLY A 208 26.19 -3.93 -20.09
C GLY A 208 24.92 -4.56 -19.58
N GLU A 209 25.01 -5.79 -19.07
CA GLU A 209 23.88 -6.40 -18.36
C GLU A 209 23.89 -6.03 -16.89
N ARG A 210 22.70 -5.97 -16.30
CA ARG A 210 22.59 -5.81 -14.86
C ARG A 210 21.47 -6.68 -14.32
N LEU A 211 21.46 -6.86 -13.00
CA LEU A 211 20.45 -7.70 -12.38
C LEU A 211 19.08 -7.05 -12.47
N LEU A 212 18.06 -7.87 -12.66
CA LEU A 212 16.68 -7.42 -12.63
C LEU A 212 16.06 -7.93 -11.36
N PHE A 213 15.56 -7.03 -10.52
CA PHE A 213 15.01 -7.40 -9.21
C PHE A 213 13.49 -7.28 -9.18
N PHE A 214 12.89 -8.07 -8.30
CA PHE A 214 11.50 -7.87 -7.90
C PHE A 214 11.54 -7.16 -6.55
N ARG A 215 11.08 -5.90 -6.54
CA ARG A 215 11.29 -5.00 -5.42
C ARG A 215 10.02 -4.77 -4.62
N SER A 216 10.17 -4.74 -3.30
CA SER A 216 9.12 -4.28 -2.40
C SER A 216 9.66 -3.15 -1.52
N TYR A 217 8.79 -2.20 -1.22
CA TYR A 217 9.11 -1.15 -0.28
C TYR A 217 8.51 -1.51 1.07
N LEU A 218 9.38 -1.88 2.01
CA LEU A 218 9.00 -2.38 3.32
C LEU A 218 8.42 -1.33 4.23
N PRO A 219 7.46 -1.73 5.07
CA PRO A 219 7.03 -0.79 6.11
C PRO A 219 8.14 -0.41 7.10
N LEU A 220 8.01 0.78 7.67
CA LEU A 220 8.86 1.26 8.75
C LEU A 220 8.03 1.61 9.98
N LYS A 221 8.54 1.25 11.16
CA LYS A 221 7.90 1.63 12.42
C LYS A 221 8.06 3.13 12.68
N GLY A 222 9.20 3.69 12.28
CA GLY A 222 9.46 5.08 12.51
C GLY A 222 10.62 5.62 11.69
N GLY A 223 10.85 6.91 11.79
CA GLY A 223 11.95 7.55 11.10
C GLY A 223 11.64 7.85 9.65
N TYR A 224 12.61 8.43 8.96
CA TYR A 224 12.49 8.68 7.53
C TYR A 224 12.96 7.48 6.76
N GLY A 225 12.42 7.29 5.57
CA GLY A 225 12.83 6.17 4.73
C GLY A 225 11.75 5.64 3.82
N ASN A 226 12.21 5.03 2.73
CA ASN A 226 11.37 4.24 1.86
C ASN A 226 12.18 3.00 1.43
N PRO A 227 12.50 2.13 2.41
CA PRO A 227 13.48 1.05 2.24
C PRO A 227 13.02 -0.03 1.27
N ALA A 228 13.94 -0.42 0.40
CA ALA A 228 13.68 -1.41 -0.64
C ALA A 228 14.31 -2.73 -0.29
N ILE A 229 13.60 -3.80 -0.50
CA ILE A 229 14.16 -5.10 -0.48
C ILE A 229 13.91 -5.74 -1.82
N ASP A 230 14.98 -6.15 -2.44
CA ASP A 230 15.02 -6.70 -3.79
C ASP A 230 15.22 -8.21 -3.73
N CYS A 231 14.36 -8.98 -4.38
CA CYS A 231 14.57 -10.42 -4.48
C CYS A 231 14.84 -10.84 -5.93
N LEU A 232 15.50 -11.99 -6.04
CA LEU A 232 15.92 -12.52 -7.34
C LEU A 232 14.78 -13.22 -8.06
N LEU A 233 13.92 -13.87 -7.28
CA LEU A 233 12.78 -14.62 -7.77
C LEU A 233 11.58 -14.32 -6.88
N PRO A 234 10.40 -14.09 -7.47
CA PRO A 234 9.21 -14.05 -6.61
C PRO A 234 9.00 -15.36 -5.89
N GLN A 235 8.34 -15.32 -4.73
CA GLN A 235 8.12 -16.53 -3.98
C GLN A 235 7.32 -17.54 -4.82
N GLU A 236 6.39 -17.07 -5.63
CA GLU A 236 5.59 -17.98 -6.46
C GLU A 236 6.42 -18.68 -7.52
N TRP A 237 7.49 -18.05 -7.99
CA TRP A 237 8.38 -18.72 -8.93
C TRP A 237 9.13 -19.85 -8.23
N VAL A 238 9.63 -19.58 -7.02
CA VAL A 238 10.27 -20.61 -6.22
C VAL A 238 9.31 -21.79 -6.05
N GLN A 239 8.07 -21.49 -5.70
CA GLN A 239 7.08 -22.54 -5.46
C GLN A 239 6.80 -23.35 -6.72
N HIS A 240 6.69 -22.64 -7.84
CA HIS A 240 6.44 -23.27 -9.14
C HIS A 240 7.61 -24.16 -9.58
N PHE A 241 8.83 -23.67 -9.47
CA PHE A 241 9.99 -24.45 -9.89
C PHE A 241 10.10 -25.72 -9.07
N TYR A 242 9.86 -25.60 -7.78
CA TYR A 242 9.89 -26.76 -6.91
C TYR A 242 8.84 -27.78 -7.34
N GLN A 243 7.62 -27.32 -7.64
CA GLN A 243 6.55 -28.23 -8.10
C GLN A 243 6.89 -28.95 -9.39
N GLU A 244 7.36 -28.20 -10.38
CA GLU A 244 7.55 -28.75 -11.72
C GLU A 244 8.79 -29.62 -11.85
N ALA A 245 9.87 -29.20 -11.19
CA ALA A 245 11.13 -29.93 -11.26
C ALA A 245 11.51 -30.19 -12.72
N ALA A 246 11.38 -29.17 -13.55
CA ALA A 246 11.68 -29.29 -14.97
C ALA A 246 13.19 -29.22 -15.19
N PRO A 247 13.77 -30.20 -15.92
CA PRO A 247 15.21 -30.16 -16.14
C PRO A 247 15.67 -28.94 -16.94
N SER A 248 16.78 -28.33 -16.52
CA SER A 248 17.37 -27.22 -17.25
C SER A 248 18.21 -27.75 -18.40
N MET A 249 17.95 -27.27 -19.61
CA MET A 249 18.64 -27.77 -20.79
C MET A 249 19.85 -26.89 -21.18
N SER A 250 20.01 -25.77 -20.49
CA SER A 250 21.20 -24.93 -20.66
C SER A 250 21.36 -24.06 -19.44
N GLU A 251 22.40 -23.23 -19.41
CA GLU A 251 22.64 -22.36 -18.27
C GLU A 251 21.75 -21.12 -18.27
N VAL A 252 21.12 -20.83 -19.40
CA VAL A 252 20.31 -19.62 -19.53
C VAL A 252 19.01 -19.89 -20.24
N ALA A 253 17.90 -19.48 -19.60
CA ALA A 253 16.60 -19.50 -20.23
C ALA A 253 16.26 -18.09 -20.70
N LEU A 254 15.98 -17.95 -21.99
CA LEU A 254 15.54 -16.68 -22.52
C LEU A 254 14.06 -16.51 -22.21
N VAL A 255 13.70 -15.41 -21.55
CA VAL A 255 12.32 -15.14 -21.22
C VAL A 255 11.94 -13.77 -21.75
N ARG A 256 10.66 -13.61 -22.09
CA ARG A 256 10.17 -12.35 -22.62
C ARG A 256 8.96 -11.88 -21.82
N TYR A 257 8.90 -10.58 -21.57
CA TYR A 257 7.77 -9.99 -20.84
C TYR A 257 6.70 -9.69 -21.86
N ILE A 258 5.55 -10.35 -21.73
CA ILE A 258 4.50 -10.33 -22.75
C ILE A 258 3.36 -9.39 -22.33
N ASN A 259 2.86 -8.62 -23.28
CA ASN A 259 1.56 -7.98 -23.12
C ASN A 259 0.52 -8.94 -23.68
N PRO A 260 -0.28 -9.58 -22.81
CA PRO A 260 -1.15 -10.68 -23.25
C PRO A 260 -2.23 -10.31 -24.28
N ASP A 261 -2.78 -9.10 -24.21
CA ASP A 261 -3.87 -8.76 -25.11
C ASP A 261 -3.36 -8.51 -26.54
N THR A 262 -2.11 -8.05 -26.68
CA THR A 262 -1.49 -7.96 -28.00
C THR A 262 -0.67 -9.20 -28.33
N GLY A 263 -0.07 -9.83 -27.33
CA GLY A 263 0.80 -10.97 -27.54
C GLY A 263 2.24 -10.57 -27.83
N ARG A 264 2.49 -9.26 -27.89
CA ARG A 264 3.81 -8.74 -28.19
C ARG A 264 4.76 -8.81 -26.98
N ALA A 265 6.04 -9.05 -27.26
CA ALA A 265 7.07 -8.99 -26.23
C ALA A 265 7.55 -7.57 -26.04
N LEU A 266 7.53 -7.09 -24.81
CA LEU A 266 7.94 -5.72 -24.48
C LEU A 266 9.44 -5.64 -24.23
N PHE A 267 9.99 -6.67 -23.59
CA PHE A 267 11.44 -6.76 -23.43
C PHE A 267 11.81 -8.19 -23.13
N GLU A 268 13.11 -8.49 -23.18
CA GLU A 268 13.57 -9.84 -22.90
C GLU A 268 14.64 -9.81 -21.80
N ALA A 269 14.79 -10.95 -21.16
CA ALA A 269 15.70 -11.10 -20.05
C ALA A 269 16.31 -12.49 -20.06
N LYS A 270 17.47 -12.63 -19.40
CA LYS A 270 18.06 -13.92 -19.19
C LYS A 270 17.64 -14.43 -17.83
N LEU A 271 17.07 -15.62 -17.78
CA LEU A 271 16.75 -16.29 -16.53
C LEU A 271 17.76 -17.40 -16.34
N HIS A 272 18.69 -17.18 -15.42
CA HIS A 272 19.84 -18.07 -15.27
C HIS A 272 19.50 -19.31 -14.46
N ARG A 273 20.22 -20.39 -14.74
CA ARG A 273 19.96 -21.70 -14.13
C ARG A 273 19.94 -21.61 -12.61
N ALA A 274 20.82 -20.77 -12.08
CA ALA A 274 20.97 -20.62 -10.63
C ALA A 274 19.76 -19.94 -9.97
N GLY A 275 18.95 -19.27 -10.78
CA GLY A 275 17.70 -18.65 -10.32
C GLY A 275 17.80 -17.16 -10.10
N PHE A 276 18.08 -16.42 -11.17
CA PHE A 276 18.13 -14.97 -11.13
C PHE A 276 18.06 -14.45 -12.56
N MET A 277 17.73 -13.17 -12.70
CA MET A 277 17.55 -12.57 -14.02
CA MET A 277 17.59 -12.60 -14.03
C MET A 277 18.49 -11.41 -14.28
N THR A 278 18.90 -11.26 -15.54
CA THR A 278 19.66 -10.11 -15.98
C THR A 278 19.00 -9.54 -17.23
N VAL A 279 19.21 -8.25 -17.44
CA VAL A 279 18.72 -7.54 -18.62
C VAL A 279 19.81 -6.65 -19.17
N SER A 280 19.66 -6.28 -20.43
CA SER A 280 20.54 -5.31 -21.04
C SER A 280 20.00 -3.92 -20.74
N SER A 281 20.64 -3.20 -19.83
CA SER A 281 20.18 -1.87 -19.44
C SER A 281 21.29 -0.99 -18.89
N ASN A 282 21.25 0.29 -19.25
CA ASN A 282 22.23 1.27 -18.79
C ASN A 282 21.78 2.10 -17.59
N THR A 283 20.54 1.88 -17.14
CA THR A 283 19.99 2.67 -16.04
C THR A 283 19.49 1.79 -14.91
N SER A 284 19.58 2.32 -13.69
CA SER A 284 18.98 1.71 -12.51
C SER A 284 17.70 2.46 -12.18
N ALA A 285 16.56 1.82 -12.37
CA ALA A 285 15.28 2.50 -12.21
C ALA A 285 14.15 1.51 -12.18
N PRO A 286 12.96 1.96 -11.78
CA PRO A 286 11.81 1.08 -11.91
C PRO A 286 11.54 0.77 -13.36
N VAL A 287 11.12 -0.46 -13.63
CA VAL A 287 10.68 -0.85 -14.96
C VAL A 287 9.19 -0.58 -15.07
N VAL A 288 8.82 0.26 -16.02
CA VAL A 288 7.41 0.62 -16.20
C VAL A 288 6.79 -0.33 -17.22
N VAL A 289 5.77 -1.06 -16.78
CA VAL A 289 5.13 -2.11 -17.57
C VAL A 289 3.62 -2.11 -17.36
N PRO A 290 2.85 -2.62 -18.34
CA PRO A 290 1.40 -2.71 -18.17
C PRO A 290 1.01 -3.68 -17.06
N ALA A 291 -0.12 -3.42 -16.41
CA ALA A 291 -0.53 -4.21 -15.25
C ALA A 291 -0.78 -5.68 -15.61
N ASN A 292 -1.16 -5.94 -16.86
CA ASN A 292 -1.51 -7.29 -17.27
C ASN A 292 -0.33 -8.12 -17.79
N GLY A 293 0.85 -7.52 -17.84
CA GLY A 293 2.01 -8.20 -18.39
C GLY A 293 2.60 -9.29 -17.50
N TYR A 294 3.32 -10.22 -18.13
CA TYR A 294 4.02 -11.27 -17.39
C TYR A 294 5.10 -11.93 -18.25
N PHE A 295 6.09 -12.53 -17.57
CA PHE A 295 7.17 -13.22 -18.26
C PHE A 295 6.69 -14.57 -18.81
N ARG A 296 7.24 -14.94 -19.95
CA ARG A 296 7.01 -16.25 -20.57
C ARG A 296 8.34 -16.84 -21.03
N PHE A 297 8.57 -18.12 -20.73
CA PHE A 297 9.75 -18.81 -21.20
C PHE A 297 9.72 -18.99 -22.71
N ASP A 298 10.78 -18.54 -23.37
CA ASP A 298 10.89 -18.64 -24.82
C ASP A 298 11.70 -19.86 -25.21
N SER A 299 12.96 -19.87 -24.83
CA SER A 299 13.87 -20.95 -25.21
C SER A 299 15.15 -20.93 -24.39
N TRP A 300 15.88 -22.03 -24.46
CA TRP A 300 17.18 -22.13 -23.82
C TRP A 300 18.25 -21.56 -24.75
N VAL A 301 19.06 -20.65 -24.21
CA VAL A 301 20.17 -20.05 -24.96
C VAL A 301 21.45 -20.27 -24.16
N ASN A 302 22.44 -19.40 -24.34
CA ASN A 302 23.68 -19.49 -23.57
C ASN A 302 24.17 -18.12 -23.12
N GLN A 303 25.28 -18.12 -22.38
CA GLN A 303 25.82 -16.90 -21.80
C GLN A 303 26.26 -15.90 -22.86
N PHE A 304 26.52 -16.37 -24.08
CA PHE A 304 26.97 -15.50 -25.17
C PHE A 304 25.82 -14.73 -25.82
N TYR A 305 24.59 -15.16 -25.59
CA TYR A 305 23.43 -14.51 -26.17
C TYR A 305 23.37 -13.05 -25.74
N SER A 306 23.19 -12.15 -26.70
CA SER A 306 23.14 -10.73 -26.42
C SER A 306 21.69 -10.24 -26.37
N LEU A 307 21.28 -9.79 -25.20
CA LEU A 307 19.92 -9.30 -25.00
C LEU A 307 19.67 -7.99 -25.71
N ALA A 308 18.46 -7.82 -26.23
CA ALA A 308 18.05 -6.53 -26.77
C ALA A 308 17.94 -5.52 -25.63
N PRO A 309 18.43 -4.29 -25.85
CA PRO A 309 18.31 -3.23 -24.84
C PRO A 309 16.87 -3.00 -24.43
N MET A 310 16.63 -2.70 -23.15
CA MET A 310 15.28 -2.46 -22.67
C MET A 310 15.09 -0.99 -22.26
N LYS B 3 -7.55 -30.72 -20.10
CA LYS B 3 -6.39 -30.77 -19.20
C LYS B 3 -6.72 -31.56 -17.92
N PRO B 4 -5.84 -32.51 -17.55
CA PRO B 4 -6.11 -33.31 -16.34
C PRO B 4 -6.02 -32.48 -15.05
N PHE B 5 -6.97 -32.70 -14.14
CA PHE B 5 -6.97 -32.03 -12.86
C PHE B 5 -5.91 -32.62 -11.93
N THR B 6 -5.19 -31.76 -11.21
CA THR B 6 -4.19 -32.18 -10.25
C THR B 6 -4.21 -31.32 -9.00
N LEU B 7 -3.67 -31.87 -7.93
CA LEU B 7 -3.35 -31.11 -6.73
C LEU B 7 -1.87 -30.78 -6.75
N PRO B 8 -1.47 -29.66 -6.12
CA PRO B 8 -0.03 -29.51 -5.95
C PRO B 8 0.48 -30.57 -4.97
N ILE B 9 1.74 -30.94 -5.09
CA ILE B 9 2.31 -31.95 -4.20
C ILE B 9 3.01 -31.24 -3.05
N LEU B 10 2.31 -31.14 -1.93
CA LEU B 10 2.78 -30.37 -0.77
C LEU B 10 2.37 -31.09 0.50
N THR B 11 3.33 -31.26 1.40
CA THR B 11 3.07 -31.86 2.70
C THR B 11 2.34 -30.84 3.58
N LEU B 12 1.82 -31.29 4.71
CA LEU B 12 1.12 -30.38 5.61
C LEU B 12 2.05 -29.24 6.05
N GLY B 13 3.33 -29.55 6.25
CA GLY B 13 4.28 -28.54 6.65
C GLY B 13 4.61 -27.52 5.58
N GLU B 14 4.09 -27.74 4.37
CA GLU B 14 4.30 -26.84 3.23
C GLU B 14 3.00 -26.15 2.80
N LEU B 15 1.97 -26.24 3.64
CA LEU B 15 0.68 -25.66 3.31
C LEU B 15 0.36 -24.48 4.19
N SER B 16 -0.30 -23.49 3.61
CA SER B 16 -0.65 -22.24 4.26
CA SER B 16 -0.67 -22.33 4.40
C SER B 16 -2.16 -22.07 4.39
N ASN B 17 -2.61 -21.46 5.46
CA ASN B 17 -4.00 -21.14 5.63
C ASN B 17 -4.44 -20.06 4.63
N SER B 18 -5.62 -20.21 4.06
CA SER B 18 -6.13 -19.27 3.07
C SER B 18 -7.04 -18.20 3.71
N ARG B 19 -7.29 -18.34 5.02
CA ARG B 19 -8.14 -17.37 5.72
C ARG B 19 -7.40 -16.53 6.75
N PHE B 20 -6.15 -16.86 7.01
CA PHE B 20 -5.27 -16.02 7.83
C PHE B 20 -3.84 -16.36 7.42
N PRO B 21 -2.94 -15.35 7.36
CA PRO B 21 -1.64 -15.59 6.75
C PRO B 21 -0.62 -16.28 7.67
N VAL B 22 -0.93 -17.54 7.97
CA VAL B 22 -0.12 -18.38 8.82
C VAL B 22 -0.08 -19.79 8.24
N SER B 23 0.87 -20.58 8.72
CA SER B 23 1.03 -21.96 8.26
C SER B 23 -0.09 -22.85 8.81
N ILE B 24 -0.39 -23.92 8.09
CA ILE B 24 -1.34 -24.91 8.59
C ILE B 24 -0.73 -25.68 9.75
N ASP B 25 -1.52 -25.95 10.78
CA ASP B 25 -1.07 -26.73 11.93
C ASP B 25 -1.57 -28.17 11.91
N GLN B 26 -2.83 -28.35 11.50
CA GLN B 26 -3.47 -29.68 11.49
C GLN B 26 -4.54 -29.75 10.42
N MET B 27 -4.86 -30.97 10.00
CA MET B 27 -6.16 -31.21 9.38
C MET B 27 -7.12 -31.57 10.50
N TYR B 28 -8.38 -31.15 10.37
CA TYR B 28 -9.32 -31.27 11.48
C TYR B 28 -10.72 -31.51 10.92
N THR B 29 -11.46 -32.44 11.50
CA THR B 29 -12.80 -32.73 11.03
C THR B 29 -13.83 -31.86 11.77
N SER B 30 -14.87 -31.43 11.07
CA SER B 30 -15.77 -30.41 11.61
C SER B 30 -16.56 -30.90 12.83
N PRO B 31 -16.79 -30.00 13.81
CA PRO B 31 -17.63 -30.35 14.96
C PRO B 31 -19.05 -30.67 14.54
N ASN B 32 -19.80 -31.35 15.39
CA ASN B 32 -21.17 -31.73 15.07
C ASN B 32 -22.02 -30.50 14.77
N GLU B 33 -21.73 -29.41 15.49
CA GLU B 33 -22.50 -28.17 15.36
C GLU B 33 -22.24 -27.43 14.06
N VAL B 34 -21.13 -27.75 13.40
CA VAL B 34 -20.74 -27.06 12.16
C VAL B 34 -21.08 -27.92 10.93
N ILE B 35 -22.28 -27.69 10.39
CA ILE B 35 -22.80 -28.49 9.28
C ILE B 35 -22.82 -27.75 7.95
N SER B 36 -22.71 -26.42 8.03
CA SER B 36 -22.69 -25.58 6.85
C SER B 36 -21.79 -24.39 7.14
N VAL B 37 -20.95 -24.00 6.17
CA VAL B 37 -20.11 -22.82 6.32
C VAL B 37 -20.12 -21.98 5.04
N GLN B 38 -19.74 -20.72 5.16
CA GLN B 38 -19.77 -19.81 4.02
C GLN B 38 -18.64 -18.79 4.13
N CYS B 39 -17.45 -19.27 4.43
CA CYS B 39 -16.30 -18.37 4.48
C CYS B 39 -16.05 -17.79 3.08
N GLN B 40 -15.35 -16.67 3.02
CA GLN B 40 -15.22 -15.91 1.78
C GLN B 40 -13.77 -15.82 1.28
N ASN B 41 -12.81 -16.04 2.16
CA ASN B 41 -11.42 -16.21 1.74
C ASN B 41 -11.12 -17.70 1.60
N GLY B 42 -10.15 -18.04 0.75
CA GLY B 42 -9.84 -19.41 0.44
C GLY B 42 -10.94 -20.12 -0.34
N ARG B 43 -11.63 -19.37 -1.19
CA ARG B 43 -12.71 -19.91 -2.00
C ARG B 43 -12.31 -19.94 -3.47
N CYS B 44 -12.37 -21.12 -4.05
CA CYS B 44 -11.93 -21.34 -5.41
C CYS B 44 -12.52 -22.64 -5.92
N THR B 45 -13.12 -22.61 -7.10
CA THR B 45 -13.62 -23.83 -7.71
C THR B 45 -12.44 -24.67 -8.18
N LEU B 46 -12.68 -25.95 -8.40
CA LEU B 46 -11.59 -26.83 -8.80
C LEU B 46 -11.02 -26.45 -10.17
N ASP B 47 -11.80 -25.77 -11.02
CA ASP B 47 -11.28 -25.35 -12.32
C ASP B 47 -10.70 -23.92 -12.28
N GLY B 48 -10.52 -23.39 -11.07
CA GLY B 48 -9.67 -22.22 -10.89
C GLY B 48 -10.35 -20.87 -10.85
N GLU B 49 -11.65 -20.86 -10.58
CA GLU B 49 -12.37 -19.60 -10.45
CA GLU B 49 -12.38 -19.60 -10.45
C GLU B 49 -12.38 -19.14 -9.00
N LEU B 50 -11.65 -18.06 -8.71
CA LEU B 50 -11.64 -17.52 -7.35
C LEU B 50 -13.00 -16.90 -7.03
N GLN B 51 -13.43 -17.02 -5.79
CA GLN B 51 -14.74 -16.51 -5.37
C GLN B 51 -14.69 -15.74 -4.06
N GLY B 52 -15.80 -15.11 -3.70
CA GLY B 52 -15.86 -14.35 -2.47
C GLY B 52 -14.89 -13.19 -2.49
N THR B 53 -14.11 -13.07 -1.42
CA THR B 53 -13.09 -12.04 -1.32
C THR B 53 -11.70 -12.62 -1.56
N THR B 54 -11.65 -13.78 -2.19
CA THR B 54 -10.37 -14.49 -2.35
C THR B 54 -9.47 -13.86 -3.41
N GLN B 55 -8.20 -13.68 -3.04
CA GLN B 55 -7.16 -13.24 -3.96
C GLN B 55 -5.93 -14.12 -3.72
N LEU B 56 -4.89 -13.94 -4.54
CA LEU B 56 -3.86 -14.96 -4.64
C LEU B 56 -2.71 -14.81 -3.65
N GLN B 57 -2.51 -13.60 -3.12
CA GLN B 57 -1.34 -13.33 -2.27
C GLN B 57 -1.55 -13.64 -0.81
N VAL B 58 -0.63 -14.38 -0.20
CA VAL B 58 -0.70 -14.61 1.24
C VAL B 58 -0.66 -13.25 1.96
N SER B 59 0.14 -12.32 1.47
CA SER B 59 0.25 -11.00 2.09
C SER B 59 -1.03 -10.15 1.98
N GLY B 60 -2.02 -10.64 1.24
CA GLY B 60 -3.30 -9.97 1.14
C GLY B 60 -4.36 -10.48 2.11
N ILE B 61 -4.13 -11.64 2.69
CA ILE B 61 -5.14 -12.30 3.52
C ILE B 61 -5.28 -11.57 4.88
N CYS B 62 -6.47 -11.04 5.13
CA CYS B 62 -6.78 -10.26 6.33
C CYS B 62 -5.93 -9.00 6.42
N ALA B 63 -5.36 -8.58 5.29
CA ALA B 63 -4.66 -7.31 5.24
C ALA B 63 -5.52 -6.32 4.50
N PHE B 64 -5.22 -5.04 4.68
CA PHE B 64 -5.84 -4.01 3.85
C PHE B 64 -4.95 -2.78 3.80
N LYS B 65 -5.28 -1.92 2.85
CA LYS B 65 -4.61 -0.64 2.67
C LYS B 65 -5.70 0.43 2.60
N GLY B 66 -5.32 1.66 2.86
CA GLY B 66 -6.28 2.74 2.78
C GLY B 66 -5.68 4.05 3.18
N GLU B 67 -6.55 5.00 3.46
CA GLU B 67 -6.15 6.34 3.93
C GLU B 67 -6.88 6.65 5.23
N VAL B 68 -6.18 7.22 6.19
CA VAL B 68 -6.82 7.72 7.39
C VAL B 68 -7.68 8.93 7.03
N THR B 69 -8.95 8.91 7.40
CA THR B 69 -9.82 10.06 7.11
C THR B 69 -10.15 10.88 8.35
N ALA B 70 -10.04 10.26 9.53
CA ALA B 70 -10.34 10.95 10.77
C ALA B 70 -9.62 10.32 11.95
N HIS B 71 -9.15 11.17 12.85
CA HIS B 71 -8.67 10.75 14.17
C HIS B 71 -9.68 11.20 15.20
N LEU B 72 -10.27 10.25 15.93
CA LEU B 72 -11.29 10.59 16.91
C LEU B 72 -10.66 11.04 18.22
N THR B 77 -8.06 7.16 20.51
CA THR B 77 -7.50 5.85 20.20
C THR B 77 -8.06 5.29 18.89
N LEU B 78 -9.12 5.92 18.39
CA LEU B 78 -9.85 5.44 17.21
C LEU B 78 -9.55 6.22 15.94
N TYR B 79 -9.50 5.50 14.82
CA TYR B 79 -9.30 6.11 13.50
C TYR B 79 -10.23 5.51 12.47
N ASN B 80 -10.82 6.36 11.64
CA ASN B 80 -11.56 5.90 10.47
C ASN B 80 -10.59 5.76 9.29
N ILE B 81 -10.71 4.64 8.58
CA ILE B 81 -9.90 4.36 7.41
C ILE B 81 -10.77 4.20 6.17
N THR B 82 -10.49 4.98 5.14
CA THR B 82 -11.09 4.73 3.83
C THR B 82 -10.21 3.71 3.13
N ILE B 83 -10.76 2.52 2.91
CA ILE B 83 -9.94 1.43 2.39
C ILE B 83 -9.89 1.48 0.87
N THR B 84 -8.78 0.98 0.33
CA THR B 84 -8.59 0.86 -1.10
C THR B 84 -8.52 -0.62 -1.41
N ASN B 85 -8.33 -0.95 -2.69
CA ASN B 85 -7.91 -2.29 -3.04
C ASN B 85 -6.48 -2.51 -2.55
N LEU B 86 -6.05 -3.75 -2.48
CA LEU B 86 -4.70 -4.06 -1.99
C LEU B 86 -3.60 -3.49 -2.87
N ASN B 87 -3.89 -3.24 -4.14
CA ASN B 87 -2.88 -2.63 -5.02
C ASN B 87 -2.85 -1.10 -4.89
N GLY B 88 -3.66 -0.56 -4.00
CA GLY B 88 -3.66 0.87 -3.73
C GLY B 88 -4.68 1.66 -4.55
N SER B 89 -5.28 1.01 -5.54
CA SER B 89 -6.28 1.66 -6.38
C SER B 89 -7.58 1.87 -5.61
N PRO B 90 -8.34 2.92 -5.93
CA PRO B 90 -9.58 3.17 -5.19
C PRO B 90 -10.55 2.00 -5.26
N PHE B 91 -11.23 1.72 -4.15
CA PHE B 91 -12.22 0.66 -4.13
C PHE B 91 -13.55 1.20 -4.62
N ASP B 92 -14.10 0.52 -5.61
CA ASP B 92 -15.39 0.87 -6.19
C ASP B 92 -16.45 -0.04 -5.58
N PRO B 93 -17.31 0.50 -4.68
CA PRO B 93 -18.33 -0.34 -4.05
C PRO B 93 -19.26 -1.02 -5.04
N SER B 94 -19.32 -0.51 -6.27
CA SER B 94 -20.16 -1.10 -7.30
C SER B 94 -19.55 -2.37 -7.88
N GLU B 95 -18.28 -2.63 -7.57
CA GLU B 95 -17.59 -3.82 -8.07
C GLU B 95 -18.30 -5.08 -7.55
N ASP B 96 -18.38 -6.11 -8.39
CA ASP B 96 -19.16 -7.30 -8.07
C ASP B 96 -18.43 -8.27 -7.15
N ILE B 97 -17.96 -7.75 -6.01
CA ILE B 97 -17.36 -8.57 -4.97
C ILE B 97 -17.95 -8.15 -3.62
N PRO B 98 -17.88 -9.03 -2.61
CA PRO B 98 -18.53 -8.72 -1.32
C PRO B 98 -17.89 -7.54 -0.61
N ALA B 99 -16.61 -7.30 -0.89
CA ALA B 99 -15.80 -6.33 -0.21
C ALA B 99 -14.44 -6.39 -0.87
N PRO B 100 -13.55 -5.44 -0.59
CA PRO B 100 -12.22 -5.55 -1.19
C PRO B 100 -11.58 -6.92 -0.94
N LEU B 101 -10.92 -7.46 -1.94
CA LEU B 101 -10.35 -8.79 -1.80
C LEU B 101 -9.34 -8.82 -0.65
N GLY B 102 -9.41 -9.88 0.15
CA GLY B 102 -8.51 -10.09 1.26
C GLY B 102 -9.04 -9.74 2.65
N VAL B 103 -10.06 -8.90 2.75
CA VAL B 103 -10.49 -8.45 4.08
C VAL B 103 -11.01 -9.63 4.90
N PRO B 104 -10.93 -9.52 6.24
CA PRO B 104 -11.41 -10.62 7.09
C PRO B 104 -12.84 -11.07 6.79
N ASP B 105 -13.05 -12.38 6.82
CA ASP B 105 -14.35 -12.97 6.49
C ASP B 105 -15.03 -13.59 7.71
N PHE B 106 -14.61 -13.16 8.90
CA PHE B 106 -15.14 -13.70 10.15
C PHE B 106 -15.34 -12.60 11.17
N GLN B 107 -16.22 -12.85 12.14
CA GLN B 107 -16.37 -11.98 13.29
C GLN B 107 -15.19 -12.17 14.25
N GLY B 108 -14.60 -11.07 14.68
CA GLY B 108 -13.56 -11.12 15.68
C GLY B 108 -12.87 -9.80 15.84
N ARG B 109 -11.88 -9.77 16.73
CA ARG B 109 -11.06 -8.59 16.96
C ARG B 109 -9.67 -8.85 16.42
N VAL B 110 -9.44 -8.46 15.18
CA VAL B 110 -8.19 -8.78 14.51
C VAL B 110 -7.11 -7.84 15.00
N PHE B 111 -5.97 -8.42 15.40
CA PHE B 111 -4.85 -7.64 15.90
C PHE B 111 -3.74 -7.64 14.87
N GLY B 112 -3.13 -6.48 14.69
CA GLY B 112 -2.00 -6.38 13.78
C GLY B 112 -1.31 -5.06 13.99
N VAL B 113 -0.53 -4.65 12.99
CA VAL B 113 0.16 -3.38 13.04
C VAL B 113 -0.25 -2.52 11.86
N ILE B 114 -0.62 -1.28 12.15
CA ILE B 114 -0.89 -0.28 11.14
C ILE B 114 0.41 0.51 10.94
N THR B 115 0.86 0.61 9.69
CA THR B 115 2.01 1.47 9.38
C THR B 115 1.60 2.52 8.37
N GLN B 116 2.33 3.64 8.40
CA GLN B 116 1.98 4.79 7.61
C GLN B 116 3.24 5.44 7.04
N ARG B 117 3.28 5.59 5.72
CA ARG B 117 4.38 6.27 5.04
C ARG B 117 3.80 7.47 4.32
N ASP B 118 4.29 8.66 4.65
CA ASP B 118 3.71 9.88 4.08
C ASP B 118 3.92 9.95 2.56
N LYS B 119 2.99 10.60 1.88
CA LYS B 119 2.95 10.66 0.42
C LYS B 119 4.01 11.59 -0.18
N GLN B 120 4.43 12.56 0.62
CA GLN B 120 5.38 13.57 0.16
C GLN B 120 6.53 13.68 1.15
N ASN B 121 7.68 14.14 0.68
CA ASN B 121 8.83 14.40 1.54
C ASN B 121 8.75 15.78 2.17
N ALA B 122 9.25 15.88 3.40
CA ALA B 122 9.45 17.19 4.03
C ALA B 122 10.60 17.90 3.32
N ALA B 123 10.67 19.22 3.46
CA ALA B 123 11.66 20.00 2.74
C ALA B 123 13.10 19.52 2.93
N GLY B 124 13.53 19.35 4.17
CA GLY B 124 14.91 18.97 4.43
C GLY B 124 15.22 17.49 4.25
N GLN B 125 14.24 16.73 3.78
CA GLN B 125 14.32 15.27 3.72
C GLN B 125 14.24 14.64 2.32
N SER B 126 15.08 13.64 2.05
CA SER B 126 15.07 12.91 0.79
C SER B 126 14.13 11.70 0.81
N GLN B 127 13.60 11.37 1.99
CA GLN B 127 12.72 10.22 2.16
C GLN B 127 11.53 10.62 3.03
N PRO B 128 10.40 9.91 2.87
CA PRO B 128 9.19 10.23 3.62
C PRO B 128 9.26 9.85 5.09
N ALA B 129 8.46 10.53 5.93
CA ALA B 129 8.36 10.17 7.34
C ALA B 129 7.48 8.94 7.52
N ASN B 130 7.70 8.21 8.62
CA ASN B 130 6.99 6.97 8.89
C ASN B 130 6.53 6.89 10.33
N ARG B 131 5.44 6.17 10.55
CA ARG B 131 5.01 5.86 11.90
C ARG B 131 4.18 4.59 11.83
N GLY B 132 4.09 3.88 12.96
CA GLY B 132 3.29 2.67 13.01
C GLY B 132 2.95 2.30 14.43
N HIS B 133 1.83 1.61 14.60
CA HIS B 133 1.35 1.25 15.93
C HIS B 133 0.53 -0.04 15.87
N ASP B 134 0.53 -0.78 16.96
CA ASP B 134 -0.41 -1.88 17.12
C ASP B 134 -1.82 -1.39 16.91
N ALA B 135 -2.63 -2.19 16.25
CA ALA B 135 -4.02 -1.83 16.00
C ALA B 135 -4.95 -3.03 16.10
N VAL B 136 -6.18 -2.76 16.47
CA VAL B 136 -7.23 -3.76 16.50
C VAL B 136 -8.31 -3.36 15.51
N VAL B 137 -8.78 -4.34 14.75
CA VAL B 137 -9.82 -4.14 13.76
C VAL B 137 -11.00 -5.03 14.13
N PRO B 138 -12.04 -4.47 14.77
CA PRO B 138 -13.23 -5.27 15.03
C PRO B 138 -14.00 -5.48 13.74
N THR B 139 -14.45 -6.71 13.48
CA THR B 139 -15.13 -7.01 12.23
C THR B 139 -16.62 -7.29 12.43
N TYR B 140 -17.04 -7.29 13.69
CA TYR B 140 -18.42 -7.67 14.06
C TYR B 140 -19.30 -6.46 14.41
N THR B 141 -18.72 -5.27 14.40
CA THR B 141 -19.46 -4.06 14.78
C THR B 141 -19.93 -3.29 13.54
N ALA B 142 -20.81 -2.32 13.76
CA ALA B 142 -21.34 -1.50 12.68
C ALA B 142 -20.26 -0.65 12.01
N GLN B 143 -19.10 -0.51 12.66
CA GLN B 143 -17.99 0.28 12.10
C GLN B 143 -17.21 -0.47 11.01
N TYR B 144 -17.37 -1.78 10.95
CA TYR B 144 -16.72 -2.58 9.92
C TYR B 144 -17.58 -2.61 8.66
N THR B 145 -17.35 -1.66 7.76
CA THR B 145 -18.13 -1.59 6.51
C THR B 145 -17.22 -1.47 5.30
N PRO B 146 -16.36 -2.47 5.08
CA PRO B 146 -15.41 -2.41 3.95
C PRO B 146 -16.08 -2.31 2.59
N LYS B 147 -17.29 -2.86 2.43
CA LYS B 147 -18.00 -2.75 1.17
C LYS B 147 -18.48 -1.32 0.91
N LEU B 148 -18.68 -0.54 1.98
CA LEU B 148 -19.01 0.88 1.84
C LEU B 148 -17.74 1.72 1.75
N GLY B 149 -16.60 1.06 1.91
CA GLY B 149 -15.31 1.70 1.74
C GLY B 149 -14.64 2.20 3.01
N GLN B 150 -15.17 1.84 4.17
CA GLN B 150 -14.60 2.32 5.44
C GLN B 150 -14.56 1.26 6.54
N VAL B 151 -13.46 1.23 7.28
CA VAL B 151 -13.39 0.47 8.52
C VAL B 151 -12.83 1.37 9.60
N GLN B 152 -13.04 0.99 10.85
CA GLN B 152 -12.52 1.74 11.98
C GLN B 152 -11.50 0.87 12.71
N ILE B 153 -10.39 1.48 13.14
CA ILE B 153 -9.38 0.77 13.89
C ILE B 153 -9.14 1.47 15.23
N GLY B 154 -8.61 0.73 16.19
CA GLY B 154 -8.21 1.29 17.47
C GLY B 154 -6.74 1.02 17.75
N THR B 155 -6.04 2.01 18.31
CA THR B 155 -4.61 1.90 18.60
C THR B 155 -4.31 2.16 20.08
N ASP B 160 0.72 9.42 16.95
CA ASP B 160 -0.60 9.21 16.37
C ASP B 160 -0.48 8.77 14.91
N LEU B 161 -1.56 8.92 14.16
CA LEU B 161 -1.57 8.71 12.71
C LEU B 161 -2.03 9.99 12.04
N LYS B 162 -1.53 10.24 10.83
CA LYS B 162 -1.89 11.44 10.09
C LYS B 162 -3.11 11.21 9.22
N VAL B 163 -3.98 12.20 9.14
CA VAL B 163 -5.13 12.14 8.25
C VAL B 163 -4.66 12.33 6.80
N ASN B 164 -5.35 11.67 5.87
CA ASN B 164 -5.05 11.77 4.44
C ASN B 164 -3.62 11.35 4.12
N GLN B 165 -3.11 10.40 4.89
CA GLN B 165 -1.87 9.70 4.57
C GLN B 165 -2.15 8.20 4.52
N PRO B 166 -1.50 7.48 3.59
CA PRO B 166 -1.85 6.07 3.39
C PRO B 166 -1.37 5.15 4.50
N VAL B 167 -2.16 4.11 4.77
CA VAL B 167 -1.79 3.10 5.76
C VAL B 167 -1.82 1.70 5.17
N LYS B 168 -1.07 0.82 5.83
CA LYS B 168 -1.11 -0.61 5.57
C LYS B 168 -1.40 -1.30 6.88
N PHE B 169 -2.33 -2.25 6.87
CA PHE B 169 -2.55 -3.10 8.03
C PHE B 169 -1.95 -4.49 7.80
N THR B 170 -0.99 -4.84 8.64
CA THR B 170 -0.38 -6.16 8.61
C THR B 170 -0.99 -6.99 9.73
N PRO B 171 -1.75 -8.03 9.38
CA PRO B 171 -2.36 -8.84 10.45
C PRO B 171 -1.35 -9.69 11.21
N VAL B 172 -1.59 -9.94 12.49
CA VAL B 172 -0.73 -10.80 13.30
C VAL B 172 -1.54 -11.91 13.97
N GLY B 173 -2.70 -11.58 14.50
CA GLY B 173 -3.53 -12.58 15.14
C GLY B 173 -4.84 -11.97 15.56
N LEU B 174 -5.37 -12.45 16.68
CA LEU B 174 -6.53 -11.83 17.31
C LEU B 174 -6.09 -11.08 18.56
N ASN B 175 -6.79 -10.01 18.90
CA ASN B 175 -6.45 -9.28 20.10
C ASN B 175 -6.77 -10.15 21.32
N ASP B 176 -7.91 -10.83 21.22
CA ASP B 176 -8.43 -11.71 22.26
C ASP B 176 -9.53 -12.53 21.58
N THR B 177 -10.17 -13.42 22.32
CA THR B 177 -11.17 -14.30 21.73
C THR B 177 -12.59 -13.73 21.81
N GLU B 178 -12.74 -12.54 22.38
CA GLU B 178 -14.06 -11.93 22.49
C GLU B 178 -14.65 -11.71 21.10
N HIS B 179 -15.87 -12.21 20.92
CA HIS B 179 -16.63 -12.06 19.67
C HIS B 179 -15.99 -12.76 18.48
N PHE B 180 -15.09 -13.71 18.74
CA PHE B 180 -14.48 -14.48 17.67
C PHE B 180 -15.37 -15.65 17.27
N ASN B 181 -16.05 -15.48 16.13
CA ASN B 181 -16.94 -16.48 15.58
C ASN B 181 -16.55 -16.73 14.13
N GLN B 182 -15.73 -17.75 13.90
CA GLN B 182 -15.07 -17.87 12.60
C GLN B 182 -16.02 -18.18 11.44
N TRP B 183 -17.22 -18.66 11.76
CA TRP B 183 -18.17 -19.04 10.72
C TRP B 183 -19.29 -18.02 10.52
N VAL B 184 -19.20 -16.89 11.20
CA VAL B 184 -20.17 -15.81 10.99
C VAL B 184 -19.54 -14.78 10.07
N VAL B 185 -20.06 -14.68 8.85
CA VAL B 185 -19.54 -13.70 7.88
C VAL B 185 -19.95 -12.29 8.29
N PRO B 186 -19.00 -11.33 8.28
CA PRO B 186 -19.36 -9.95 8.64
C PRO B 186 -20.42 -9.35 7.74
N ARG B 187 -21.10 -8.32 8.24
CA ARG B 187 -21.94 -7.51 7.38
CA ARG B 187 -21.95 -7.48 7.39
C ARG B 187 -21.04 -6.49 6.70
N TYR B 188 -20.52 -6.86 5.52
CA TYR B 188 -19.52 -6.04 4.85
C TYR B 188 -20.00 -4.62 4.53
N ALA B 189 -21.31 -4.43 4.40
CA ALA B 189 -21.88 -3.12 4.09
C ALA B 189 -22.79 -2.63 5.22
N GLY B 190 -22.61 -3.21 6.41
CA GLY B 190 -23.43 -2.85 7.56
C GLY B 190 -24.77 -3.54 7.56
N ALA B 191 -25.51 -3.36 8.66
CA ALA B 191 -26.76 -4.07 8.89
C ALA B 191 -27.91 -3.64 7.97
N LEU B 192 -27.78 -2.48 7.34
CA LEU B 192 -28.81 -1.99 6.45
C LEU B 192 -28.77 -2.67 5.07
N ASN B 193 -27.64 -3.30 4.75
CA ASN B 193 -27.42 -3.89 3.43
C ASN B 193 -27.12 -5.39 3.47
N LEU B 194 -27.76 -6.16 2.61
CA LEU B 194 -27.39 -7.56 2.44
C LEU B 194 -25.98 -7.65 1.85
N ASN B 195 -25.24 -8.67 2.23
CA ASN B 195 -24.00 -8.99 1.53
C ASN B 195 -24.33 -9.37 0.10
N THR B 196 -23.40 -9.10 -0.81
CA THR B 196 -23.60 -9.40 -2.22
C THR B 196 -22.42 -10.17 -2.78
N ASN B 197 -22.66 -10.90 -3.87
CA ASN B 197 -21.61 -11.62 -4.58
C ASN B 197 -20.82 -12.58 -3.70
N LEU B 198 -21.48 -13.18 -2.71
CA LEU B 198 -20.81 -14.12 -1.80
C LEU B 198 -20.48 -15.44 -2.47
N ALA B 199 -19.35 -16.03 -2.10
CA ALA B 199 -19.08 -17.43 -2.39
C ALA B 199 -20.19 -18.24 -1.71
N PRO B 200 -20.69 -19.28 -2.38
CA PRO B 200 -21.83 -19.99 -1.80
C PRO B 200 -21.50 -20.79 -0.55
N SER B 201 -22.52 -21.06 0.26
CA SER B 201 -22.35 -21.94 1.41
C SER B 201 -22.01 -23.35 0.93
N VAL B 202 -21.23 -24.08 1.72
CA VAL B 202 -20.90 -25.47 1.44
C VAL B 202 -21.27 -26.35 2.62
N ALA B 203 -21.63 -27.59 2.34
CA ALA B 203 -22.02 -28.53 3.38
C ALA B 203 -21.93 -29.97 2.89
N PRO B 204 -21.69 -30.91 3.81
CA PRO B 204 -21.88 -32.32 3.43
C PRO B 204 -23.33 -32.60 3.09
N VAL B 205 -23.60 -33.48 2.15
CA VAL B 205 -24.98 -33.89 1.85
C VAL B 205 -25.16 -35.40 1.90
N PHE B 206 -24.11 -36.10 2.32
CA PHE B 206 -24.15 -37.55 2.50
C PHE B 206 -24.15 -37.82 4.00
N PRO B 207 -25.15 -38.54 4.52
CA PRO B 207 -25.18 -38.74 5.98
C PRO B 207 -23.91 -39.42 6.49
N GLY B 208 -23.36 -38.90 7.58
CA GLY B 208 -22.17 -39.49 8.17
C GLY B 208 -20.90 -38.85 7.63
N GLU B 209 -21.01 -38.02 6.62
CA GLU B 209 -19.88 -37.20 6.18
C GLU B 209 -19.81 -35.88 6.95
N ARG B 210 -18.59 -35.39 7.13
CA ARG B 210 -18.41 -34.05 7.68
C ARG B 210 -17.29 -33.34 6.96
N LEU B 211 -17.20 -32.04 7.16
CA LEU B 211 -16.17 -31.23 6.50
C LEU B 211 -14.80 -31.56 7.03
N LEU B 212 -13.83 -31.54 6.12
CA LEU B 212 -12.43 -31.68 6.50
C LEU B 212 -11.77 -30.33 6.32
N PHE B 213 -11.21 -29.79 7.41
CA PHE B 213 -10.61 -28.45 7.41
C PHE B 213 -9.09 -28.50 7.46
N PHE B 214 -8.47 -27.46 6.93
CA PHE B 214 -7.07 -27.18 7.17
C PHE B 214 -7.02 -26.11 8.24
N ARG B 215 -6.51 -26.48 9.42
CA ARG B 215 -6.63 -25.65 10.61
C ARG B 215 -5.32 -24.98 11.01
N SER B 216 -5.41 -23.73 11.43
CA SER B 216 -4.30 -23.03 12.07
C SER B 216 -4.74 -22.48 13.42
N TYR B 217 -3.83 -22.49 14.39
CA TYR B 217 -4.08 -21.87 15.68
C TYR B 217 -3.44 -20.49 15.69
N LEU B 218 -4.29 -19.47 15.64
CA LEU B 218 -3.86 -18.08 15.50
C LEU B 218 -3.19 -17.53 16.74
N PRO B 219 -2.20 -16.65 16.56
CA PRO B 219 -1.68 -15.93 17.72
C PRO B 219 -2.72 -15.04 18.41
N LEU B 220 -2.51 -14.84 19.71
CA LEU B 220 -3.30 -13.92 20.51
C LEU B 220 -2.42 -12.86 21.15
N LYS B 221 -2.89 -11.62 21.16
CA LYS B 221 -2.17 -10.55 21.86
C LYS B 221 -2.27 -10.74 23.37
N GLY B 222 -3.42 -11.24 23.85
CA GLY B 222 -3.61 -11.42 25.27
C GLY B 222 -4.79 -12.31 25.60
N GLY B 223 -4.97 -12.58 26.88
CA GLY B 223 -6.06 -13.38 27.37
C GLY B 223 -5.81 -14.87 27.22
N TYR B 224 -6.79 -15.66 27.64
CA TYR B 224 -6.72 -17.11 27.47
C TYR B 224 -7.29 -17.48 26.12
N GLY B 225 -6.82 -18.59 25.56
CA GLY B 225 -7.32 -19.05 24.27
C GLY B 225 -6.30 -19.80 23.45
N ASN B 226 -6.83 -20.64 22.57
CA ASN B 226 -6.05 -21.29 21.52
C ASN B 226 -6.92 -21.31 20.26
N PRO B 227 -7.23 -20.12 19.73
CA PRO B 227 -8.25 -19.93 18.69
C PRO B 227 -7.88 -20.56 17.36
N ALA B 228 -8.84 -21.25 16.77
CA ALA B 228 -8.65 -21.97 15.53
C ALA B 228 -9.32 -21.25 14.38
N ILE B 229 -8.62 -21.17 13.26
CA ILE B 229 -9.23 -20.74 12.02
C ILE B 229 -9.07 -21.88 11.02
N ASP B 230 -10.22 -22.33 10.52
CA ASP B 230 -10.34 -23.45 9.62
C ASP B 230 -10.60 -22.95 8.21
N CYS B 231 -9.80 -23.40 7.24
CA CYS B 231 -10.06 -23.08 5.85
C CYS B 231 -10.40 -24.34 5.05
N LEU B 232 -11.11 -24.11 3.95
CA LEU B 232 -11.60 -25.18 3.09
C LEU B 232 -10.51 -25.70 2.15
N LEU B 233 -9.66 -24.79 1.71
CA LEU B 233 -8.57 -25.09 0.81
C LEU B 233 -7.33 -24.36 1.29
N PRO B 234 -6.17 -25.03 1.31
CA PRO B 234 -4.94 -24.25 1.53
C PRO B 234 -4.73 -23.20 0.46
N GLN B 235 -4.00 -22.14 0.79
CA GLN B 235 -3.80 -21.07 -0.16
C GLN B 235 -3.08 -21.60 -1.41
N GLU B 236 -2.17 -22.57 -1.22
CA GLU B 236 -1.45 -23.13 -2.36
C GLU B 236 -2.34 -23.91 -3.31
N TRP B 237 -3.42 -24.50 -2.79
CA TRP B 237 -4.37 -25.17 -3.65
C TRP B 237 -5.13 -24.16 -4.50
N VAL B 238 -5.57 -23.06 -3.89
CA VAL B 238 -6.20 -21.98 -4.61
C VAL B 238 -5.28 -21.52 -5.75
N GLN B 239 -4.00 -21.30 -5.43
CA GLN B 239 -3.03 -20.81 -6.40
C GLN B 239 -2.85 -21.80 -7.55
N HIS B 240 -2.76 -23.09 -7.20
CA HIS B 240 -2.61 -24.16 -8.18
C HIS B 240 -3.83 -24.27 -9.10
N PHE B 241 -5.02 -24.25 -8.52
CA PHE B 241 -6.22 -24.40 -9.33
C PHE B 241 -6.34 -23.25 -10.31
N TYR B 242 -6.05 -22.04 -9.85
CA TYR B 242 -6.08 -20.87 -10.72
C TYR B 242 -5.07 -21.03 -11.87
N GLN B 243 -3.86 -21.49 -11.56
CA GLN B 243 -2.86 -21.70 -12.61
C GLN B 243 -3.28 -22.73 -13.65
N GLU B 244 -3.79 -23.87 -13.20
CA GLU B 244 -4.03 -25.00 -14.09
C GLU B 244 -5.32 -24.83 -14.89
N ALA B 245 -6.34 -24.29 -14.25
CA ALA B 245 -7.64 -24.11 -14.89
C ALA B 245 -8.11 -25.41 -15.55
N ALA B 246 -7.98 -26.52 -14.82
CA ALA B 246 -8.36 -27.83 -15.33
C ALA B 246 -9.87 -28.02 -15.26
N PRO B 247 -10.51 -28.42 -16.37
CA PRO B 247 -11.96 -28.60 -16.32
C PRO B 247 -12.40 -29.69 -15.36
N SER B 248 -13.46 -29.43 -14.60
CA SER B 248 -14.04 -30.44 -13.71
C SER B 248 -14.97 -31.35 -14.50
N MET B 249 -14.75 -32.66 -14.38
CA MET B 249 -15.52 -33.63 -15.14
C MET B 249 -16.71 -34.18 -14.36
N SER B 250 -16.80 -33.82 -13.08
CA SER B 250 -17.97 -34.19 -12.27
C SER B 250 -18.05 -33.24 -11.08
N GLU B 251 -19.07 -33.43 -10.24
CA GLU B 251 -19.25 -32.58 -9.07
C GLU B 251 -18.29 -32.96 -7.94
N VAL B 252 -17.67 -34.14 -8.03
CA VAL B 252 -16.81 -34.64 -6.96
C VAL B 252 -15.54 -35.29 -7.49
N ALA B 253 -14.39 -34.84 -6.97
CA ALA B 253 -13.12 -35.49 -7.23
C ALA B 253 -12.76 -36.37 -6.03
N LEU B 254 -12.53 -37.65 -6.28
CA LEU B 254 -12.09 -38.54 -5.22
C LEU B 254 -10.59 -38.33 -5.05
N VAL B 255 -10.18 -38.01 -3.82
CA VAL B 255 -8.76 -37.82 -3.51
C VAL B 255 -8.38 -38.75 -2.38
N ARG B 256 -7.11 -39.16 -2.36
CA ARG B 256 -6.60 -40.06 -1.34
C ARG B 256 -5.34 -39.47 -0.72
N TYR B 257 -5.22 -39.60 0.60
CA TYR B 257 -4.03 -39.13 1.31
C TYR B 257 -3.00 -40.23 1.25
N ILE B 258 -1.86 -39.93 0.61
CA ILE B 258 -0.85 -40.92 0.28
C ILE B 258 0.33 -40.86 1.24
N ASN B 259 0.82 -42.02 1.66
CA ASN B 259 2.16 -42.09 2.24
C ASN B 259 3.12 -42.42 1.09
N PRO B 260 3.94 -41.44 0.67
CA PRO B 260 4.74 -41.59 -0.56
C PRO B 260 5.80 -42.71 -0.53
N ASP B 261 6.39 -42.98 0.62
CA ASP B 261 7.45 -43.96 0.65
C ASP B 261 6.88 -45.38 0.53
N THR B 262 5.66 -45.60 1.00
CA THR B 262 4.96 -46.88 0.76
C THR B 262 4.07 -46.82 -0.48
N GLY B 263 3.51 -45.64 -0.75
CA GLY B 263 2.58 -45.50 -1.86
C GLY B 263 1.14 -45.85 -1.48
N ARG B 264 0.95 -46.25 -0.23
CA ARG B 264 -0.37 -46.65 0.24
C ARG B 264 -1.26 -45.44 0.55
N ALA B 265 -2.56 -45.59 0.32
CA ALA B 265 -3.54 -44.57 0.70
C ALA B 265 -3.95 -44.77 2.16
N LEU B 266 -3.84 -43.72 2.94
CA LEU B 266 -4.18 -43.78 4.36
C LEU B 266 -5.67 -43.50 4.59
N PHE B 267 -6.22 -42.58 3.82
CA PHE B 267 -7.67 -42.36 3.84
C PHE B 267 -8.09 -41.66 2.56
N GLU B 268 -9.40 -41.59 2.32
CA GLU B 268 -9.91 -40.92 1.13
C GLU B 268 -10.91 -39.85 1.53
N ALA B 269 -11.08 -38.90 0.62
CA ALA B 269 -11.94 -37.75 0.85
C ALA B 269 -12.60 -37.36 -0.46
N LYS B 270 -13.72 -36.65 -0.36
CA LYS B 270 -14.36 -36.06 -1.51
C LYS B 270 -13.89 -34.61 -1.63
N LEU B 271 -13.35 -34.25 -2.80
CA LEU B 271 -12.99 -32.86 -3.09
C LEU B 271 -14.04 -32.34 -4.06
N HIS B 272 -14.91 -31.47 -3.55
CA HIS B 272 -16.08 -31.05 -4.30
C HIS B 272 -15.75 -29.93 -5.26
N ARG B 273 -16.49 -29.87 -6.37
CA ARG B 273 -16.26 -28.88 -7.42
C ARG B 273 -16.21 -27.46 -6.89
N ALA B 274 -17.04 -27.17 -5.89
CA ALA B 274 -17.11 -25.81 -5.34
C ALA B 274 -15.84 -25.44 -4.56
N GLY B 275 -15.03 -26.44 -4.20
CA GLY B 275 -13.75 -26.22 -3.54
C GLY B 275 -13.78 -26.42 -2.05
N PHE B 276 -14.09 -27.64 -1.63
CA PHE B 276 -14.10 -28.02 -0.23
C PHE B 276 -14.05 -29.53 -0.14
N MET B 277 -13.69 -30.06 1.02
CA MET B 277 -13.56 -31.49 1.20
CA MET B 277 -13.58 -31.50 1.18
C MET B 277 -14.46 -32.04 2.30
N THR B 278 -14.91 -33.27 2.11
CA THR B 278 -15.65 -34.00 3.13
C THR B 278 -15.03 -35.37 3.29
N VAL B 279 -15.21 -35.94 4.49
CA VAL B 279 -14.75 -37.28 4.81
C VAL B 279 -15.83 -38.03 5.55
N SER B 280 -15.72 -39.35 5.54
CA SER B 280 -16.59 -40.18 6.35
C SER B 280 -16.00 -40.30 7.74
N SER B 281 -16.57 -39.61 8.71
CA SER B 281 -16.04 -39.65 10.07
C SER B 281 -17.10 -39.33 11.13
N ASN B 282 -17.02 -40.05 12.26
CA ASN B 282 -17.94 -39.86 13.37
C ASN B 282 -17.40 -38.97 14.48
N THR B 283 -16.16 -38.50 14.33
CA THR B 283 -15.52 -37.70 15.36
C THR B 283 -15.02 -36.37 14.82
N SER B 284 -15.03 -35.36 15.68
CA SER B 284 -14.41 -34.08 15.41
C SER B 284 -13.09 -34.04 16.16
N ALA B 285 -11.98 -34.08 15.42
CA ALA B 285 -10.68 -34.16 16.05
C ALA B 285 -9.59 -33.89 15.04
N PRO B 286 -8.36 -33.67 15.53
CA PRO B 286 -7.24 -33.56 14.59
C PRO B 286 -7.03 -34.87 13.87
N VAL B 287 -6.68 -34.81 12.60
CA VAL B 287 -6.33 -35.99 11.84
C VAL B 287 -4.84 -36.23 12.00
N VAL B 288 -4.48 -37.40 12.52
CA VAL B 288 -3.07 -37.72 12.77
C VAL B 288 -2.51 -38.44 11.54
N VAL B 289 -1.51 -37.83 10.92
CA VAL B 289 -0.92 -38.32 9.68
C VAL B 289 0.59 -38.17 9.67
N PRO B 290 1.29 -38.99 8.86
CA PRO B 290 2.75 -38.86 8.76
C PRO B 290 3.15 -37.53 8.13
N ALA B 291 4.32 -37.02 8.51
CA ALA B 291 4.73 -35.69 8.05
C ALA B 291 4.90 -35.61 6.53
N ASN B 292 5.21 -36.75 5.90
CA ASN B 292 5.49 -36.76 4.46
C ASN B 292 4.25 -36.98 3.59
N GLY B 293 3.09 -37.15 4.22
CA GLY B 293 1.89 -37.44 3.47
C GLY B 293 1.31 -36.26 2.70
N TYR B 294 0.53 -36.58 1.67
CA TYR B 294 -0.18 -35.55 0.89
C TYR B 294 -1.31 -36.14 0.06
N PHE B 295 -2.28 -35.30 -0.28
CA PHE B 295 -3.41 -35.72 -1.10
C PHE B 295 -3.00 -35.87 -2.57
N ARG B 296 -3.62 -36.85 -3.24
CA ARG B 296 -3.44 -37.06 -4.67
C ARG B 296 -4.81 -37.31 -5.29
N PHE B 297 -5.07 -36.65 -6.42
CA PHE B 297 -6.30 -36.86 -7.17
C PHE B 297 -6.34 -38.27 -7.75
N ASP B 298 -7.42 -38.98 -7.46
CA ASP B 298 -7.59 -40.34 -7.96
C ASP B 298 -8.47 -40.35 -9.21
N SER B 299 -9.72 -39.93 -9.05
CA SER B 299 -10.66 -39.97 -10.17
C SER B 299 -11.90 -39.14 -9.87
N TRP B 300 -12.68 -38.86 -10.92
CA TRP B 300 -13.95 -38.17 -10.77
C TRP B 300 -15.04 -39.18 -10.43
N VAL B 301 -15.80 -38.90 -9.37
CA VAL B 301 -16.91 -39.74 -8.95
C VAL B 301 -18.16 -38.87 -8.88
N ASN B 302 -19.12 -39.26 -8.05
CA ASN B 302 -20.34 -38.47 -7.87
C ASN B 302 -20.77 -38.39 -6.41
N GLN B 303 -21.85 -37.66 -6.16
CA GLN B 303 -22.34 -37.42 -4.81
C GLN B 303 -22.79 -38.70 -4.11
N PHE B 304 -23.09 -39.73 -4.89
CA PHE B 304 -23.55 -41.01 -4.32
C PHE B 304 -22.40 -41.88 -3.81
N TYR B 305 -21.17 -41.57 -4.22
CA TYR B 305 -20.02 -42.36 -3.79
C TYR B 305 -19.91 -42.37 -2.27
N SER B 306 -19.76 -43.56 -1.70
CA SER B 306 -19.66 -43.70 -0.24
C SER B 306 -18.20 -43.84 0.17
N LEU B 307 -17.71 -42.85 0.91
CA LEU B 307 -16.33 -42.85 1.36
C LEU B 307 -16.05 -43.93 2.40
N ALA B 308 -14.86 -44.51 2.35
CA ALA B 308 -14.41 -45.40 3.39
C ALA B 308 -14.22 -44.61 4.68
N PRO B 309 -14.69 -45.15 5.82
CA PRO B 309 -14.49 -44.48 7.10
C PRO B 309 -13.02 -44.20 7.40
N MET B 310 -12.74 -43.07 8.04
CA MET B 310 -11.36 -42.72 8.36
C MET B 310 -11.14 -42.73 9.87
N LYS C 3 9.21 20.22 16.95
CA LYS C 3 9.52 21.56 16.46
C LYS C 3 8.34 22.52 16.69
N PRO C 4 8.61 23.69 17.29
CA PRO C 4 7.50 24.63 17.53
C PRO C 4 6.91 25.21 16.26
N PHE C 5 5.58 25.29 16.20
CA PHE C 5 4.90 25.90 15.07
C PHE C 5 5.01 27.42 15.14
N THR C 6 5.24 28.04 13.99
CA THR C 6 5.31 29.50 13.89
C THR C 6 4.66 30.01 12.61
N LEU C 7 4.31 31.29 12.64
CA LEU C 7 3.94 32.02 11.45
C LEU C 7 5.12 32.85 11.01
N PRO C 8 5.24 33.13 9.70
CA PRO C 8 6.26 34.13 9.35
C PRO C 8 5.82 35.48 9.87
N ILE C 9 6.77 36.37 10.14
CA ILE C 9 6.43 37.69 10.67
C ILE C 9 6.37 38.68 9.51
N LEU C 10 5.16 38.94 9.04
CA LEU C 10 4.93 39.73 7.85
C LEU C 10 3.69 40.57 8.02
N THR C 11 3.81 41.86 7.71
CA THR C 11 2.67 42.78 7.76
C THR C 11 1.78 42.53 6.57
N LEU C 12 0.57 43.11 6.59
CA LEU C 12 -0.34 42.92 5.46
C LEU C 12 0.31 43.40 4.17
N GLY C 13 1.07 44.49 4.25
CA GLY C 13 1.75 45.02 3.07
C GLY C 13 2.88 44.14 2.55
N GLU C 14 3.21 43.08 3.29
CA GLU C 14 4.24 42.14 2.89
C GLU C 14 3.68 40.75 2.55
N LEU C 15 2.36 40.66 2.41
CA LEU C 15 1.70 39.39 2.13
C LEU C 15 1.13 39.37 0.73
N SER C 16 1.20 38.19 0.10
CA SER C 16 0.66 38.07 -1.24
CA SER C 16 0.75 37.97 -1.27
C SER C 16 -0.42 36.99 -1.34
N ASN C 17 -1.30 37.20 -2.29
CA ASN C 17 -2.40 36.28 -2.50
C ASN C 17 -1.89 34.95 -3.05
N SER C 18 -2.44 33.86 -2.57
CA SER C 18 -2.00 32.54 -2.98
C SER C 18 -2.88 32.00 -4.12
N ARG C 19 -3.92 32.75 -4.49
CA ARG C 19 -4.81 32.30 -5.56
C ARG C 19 -4.75 33.16 -6.82
N PHE C 20 -4.04 34.28 -6.73
CA PHE C 20 -3.74 35.09 -7.91
C PHE C 20 -2.47 35.87 -7.59
N PRO C 21 -1.55 36.04 -8.57
CA PRO C 21 -0.22 36.57 -8.24
C PRO C 21 -0.19 38.10 -8.06
N VAL C 22 -0.85 38.54 -7.00
CA VAL C 22 -0.93 39.95 -6.64
C VAL C 22 -0.81 40.11 -5.14
N SER C 23 -0.55 41.33 -4.69
CA SER C 23 -0.41 41.61 -3.27
C SER C 23 -1.76 41.56 -2.57
N ILE C 24 -1.75 41.27 -1.27
CA ILE C 24 -2.98 41.34 -0.48
C ILE C 24 -3.40 42.80 -0.27
N ASP C 25 -4.70 43.07 -0.36
CA ASP C 25 -5.24 44.40 -0.14
C ASP C 25 -5.89 44.58 1.24
N GLN C 26 -6.62 43.56 1.68
CA GLN C 26 -7.35 43.62 2.95
C GLN C 26 -7.49 42.23 3.53
N MET C 27 -7.71 42.16 4.84
CA MET C 27 -8.34 40.99 5.43
C MET C 27 -9.85 41.26 5.40
N TYR C 28 -10.62 40.20 5.18
CA TYR C 28 -12.04 40.36 4.92
C TYR C 28 -12.79 39.17 5.48
N THR C 29 -13.90 39.42 6.18
CA THR C 29 -14.68 38.34 6.76
C THR C 29 -15.74 37.85 5.78
N SER C 30 -15.97 36.54 5.75
CA SER C 30 -16.79 35.93 4.70
C SER C 30 -18.24 36.41 4.77
N PRO C 31 -18.88 36.62 3.60
CA PRO C 31 -20.30 36.96 3.57
C PRO C 31 -21.16 35.84 4.11
N ASN C 32 -22.40 36.16 4.49
CA ASN C 32 -23.31 35.18 5.06
C ASN C 32 -23.54 34.00 4.13
N GLU C 33 -23.55 34.28 2.83
CA GLU C 33 -23.81 33.25 1.82
C GLU C 33 -22.63 32.28 1.64
N VAL C 34 -21.45 32.67 2.08
CA VAL C 34 -20.25 31.84 1.93
C VAL C 34 -19.90 31.13 3.23
N ILE C 35 -20.41 29.91 3.38
CA ILE C 35 -20.25 29.13 4.60
C ILE C 35 -19.29 27.95 4.43
N SER C 36 -19.00 27.60 3.18
CA SER C 36 -18.08 26.53 2.86
C SER C 36 -17.34 26.86 1.58
N VAL C 37 -16.03 26.60 1.53
CA VAL C 37 -15.26 26.81 0.30
C VAL C 37 -14.28 25.65 0.05
N GLN C 38 -13.83 25.54 -1.20
CA GLN C 38 -12.96 24.42 -1.57
C GLN C 38 -11.98 24.88 -2.64
N CYS C 39 -11.37 26.04 -2.44
CA CYS C 39 -10.37 26.50 -3.40
C CYS C 39 -9.18 25.53 -3.40
N GLN C 40 -8.40 25.55 -4.47
CA GLN C 40 -7.36 24.53 -4.70
C GLN C 40 -5.95 25.10 -4.72
N ASN C 41 -5.83 26.41 -4.94
CA ASN C 41 -4.55 27.09 -4.75
C ASN C 41 -4.52 27.71 -3.35
N GLY C 42 -3.33 27.88 -2.81
CA GLY C 42 -3.17 28.38 -1.45
C GLY C 42 -3.65 27.40 -0.40
N ARG C 43 -3.49 26.11 -0.69
CA ARG C 43 -3.89 25.05 0.22
C ARG C 43 -2.67 24.34 0.78
N CYS C 44 -2.58 24.34 2.11
CA CYS C 44 -1.44 23.78 2.81
C CYS C 44 -1.82 23.54 4.26
N THR C 45 -1.53 22.35 4.75
CA THR C 45 -1.74 22.05 6.16
C THR C 45 -0.72 22.80 6.99
N LEU C 46 -1.00 22.96 8.27
CA LEU C 46 -0.10 23.70 9.13
C LEU C 46 1.26 23.01 9.27
N ASP C 47 1.32 21.69 9.07
CA ASP C 47 2.61 21.01 9.16
C ASP C 47 3.30 20.90 7.79
N GLY C 48 2.80 21.65 6.81
CA GLY C 48 3.55 21.91 5.59
C GLY C 48 3.27 21.02 4.39
N GLU C 49 2.12 20.37 4.37
CA GLU C 49 1.76 19.54 3.24
CA GLU C 49 1.75 19.53 3.25
C GLU C 49 0.92 20.32 2.24
N LEU C 50 1.49 20.61 1.08
CA LEU C 50 0.75 21.33 0.04
C LEU C 50 -0.35 20.42 -0.51
N GLN C 51 -1.48 21.02 -0.85
CA GLN C 51 -2.63 20.26 -1.34
C GLN C 51 -3.24 20.90 -2.57
N GLY C 52 -4.19 20.19 -3.18
CA GLY C 52 -4.86 20.69 -4.36
C GLY C 52 -3.89 20.89 -5.51
N THR C 53 -3.96 22.07 -6.12
CA THR C 53 -3.06 22.45 -7.20
C THR C 53 -1.99 23.42 -6.72
N THR C 54 -1.77 23.45 -5.41
CA THR C 54 -0.87 24.43 -4.81
C THR C 54 0.60 24.08 -5.05
N GLN C 55 1.35 25.10 -5.47
CA GLN C 55 2.81 25.01 -5.60
C GLN C 55 3.40 26.29 -5.01
N LEU C 56 4.73 26.34 -4.94
CA LEU C 56 5.39 27.32 -4.07
C LEU C 56 5.67 28.67 -4.71
N GLN C 57 5.72 28.73 -6.05
CA GLN C 57 6.11 29.95 -6.75
C GLN C 57 4.95 30.90 -7.03
N VAL C 58 5.11 32.17 -6.68
CA VAL C 58 4.12 33.19 -7.04
C VAL C 58 3.96 33.21 -8.57
N SER C 59 5.05 33.08 -9.29
CA SER C 59 5.01 33.10 -10.75
C SER C 59 4.29 31.88 -11.35
N GLY C 60 3.91 30.92 -10.50
CA GLY C 60 3.15 29.76 -10.96
C GLY C 60 1.64 29.90 -10.80
N ILE C 61 1.21 30.85 -9.98
CA ILE C 61 -0.21 30.98 -9.62
C ILE C 61 -1.02 31.54 -10.79
N CYS C 62 -1.96 30.72 -11.26
CA CYS C 62 -2.79 31.04 -12.44
C CYS C 62 -1.97 31.20 -13.70
N ALA C 63 -0.75 30.68 -13.69
CA ALA C 63 0.06 30.65 -14.89
C ALA C 63 0.08 29.24 -15.43
N PHE C 64 0.44 29.09 -16.70
CA PHE C 64 0.69 27.77 -17.25
C PHE C 64 1.63 27.87 -18.45
N LYS C 65 2.16 26.72 -18.83
CA LYS C 65 3.02 26.58 -20.00
C LYS C 65 2.46 25.45 -20.83
N GLY C 66 2.82 25.42 -22.10
CA GLY C 66 2.36 24.36 -22.96
C GLY C 66 2.81 24.55 -24.37
N GLU C 67 2.17 23.83 -25.29
CA GLU C 67 2.43 23.93 -26.72
C GLU C 67 1.13 24.21 -27.45
N VAL C 68 1.15 25.12 -28.42
CA VAL C 68 0.00 25.33 -29.28
C VAL C 68 -0.18 24.10 -30.16
N THR C 69 -1.37 23.51 -30.16
CA THR C 69 -1.62 22.35 -31.02
C THR C 69 -2.50 22.68 -32.21
N ALA C 70 -3.27 23.76 -32.12
CA ALA C 70 -4.15 24.15 -33.21
C ALA C 70 -4.48 25.63 -33.17
N HIS C 71 -4.52 26.24 -34.35
CA HIS C 71 -5.07 27.58 -34.54
C HIS C 71 -6.40 27.43 -35.25
N LEU C 72 -7.48 27.85 -34.60
CA LEU C 72 -8.82 27.69 -35.16
C LEU C 72 -9.14 28.82 -36.14
N THR C 77 -9.15 33.40 -33.98
CA THR C 77 -8.85 34.05 -32.71
C THR C 77 -8.60 33.03 -31.60
N LEU C 78 -8.94 31.76 -31.86
CA LEU C 78 -8.89 30.73 -30.83
C LEU C 78 -7.71 29.79 -31.04
N TYR C 79 -7.10 29.34 -29.94
CA TYR C 79 -6.01 28.37 -30.00
C TYR C 79 -6.17 27.27 -28.95
N ASN C 80 -5.93 26.03 -29.36
CA ASN C 80 -5.83 24.93 -28.40
C ASN C 80 -4.39 24.82 -27.89
N ILE C 81 -4.26 24.68 -26.58
CA ILE C 81 -2.97 24.53 -25.92
C ILE C 81 -2.88 23.19 -25.21
N THR C 82 -1.86 22.40 -25.53
CA THR C 82 -1.54 21.23 -24.73
C THR C 82 -0.65 21.68 -23.61
N ILE C 83 -1.14 21.60 -22.39
CA ILE C 83 -0.41 22.18 -21.27
C ILE C 83 0.58 21.17 -20.71
N THR C 84 1.66 21.71 -20.14
CA THR C 84 2.69 20.94 -19.49
C THR C 84 2.66 21.30 -18.02
N ASN C 85 3.55 20.70 -17.25
CA ASN C 85 3.82 21.23 -15.92
C ASN C 85 4.55 22.57 -16.06
N LEU C 86 4.58 23.34 -14.98
CA LEU C 86 5.22 24.66 -15.02
C LEU C 86 6.71 24.58 -15.30
N ASN C 87 7.33 23.44 -14.99
CA ASN C 87 8.76 23.29 -15.29
C ASN C 87 9.00 22.87 -16.74
N GLY C 88 7.93 22.75 -17.51
CA GLY C 88 8.05 22.41 -18.92
C GLY C 88 7.95 20.93 -19.22
N SER C 89 7.99 20.09 -18.18
CA SER C 89 7.90 18.64 -18.38
C SER C 89 6.47 18.25 -18.75
N PRO C 90 6.33 17.15 -19.52
CA PRO C 90 4.97 16.75 -19.92
C PRO C 90 4.05 16.48 -18.73
N PHE C 91 2.79 16.87 -18.85
CA PHE C 91 1.82 16.59 -17.78
C PHE C 91 1.24 15.21 -17.97
N ASP C 92 1.31 14.42 -16.90
CA ASP C 92 0.77 13.08 -16.87
C ASP C 92 -0.59 13.12 -16.16
N PRO C 93 -1.68 12.97 -16.94
CA PRO C 93 -3.01 13.03 -16.31
C PRO C 93 -3.22 12.00 -15.21
N SER C 94 -2.40 10.95 -15.19
CA SER C 94 -2.52 9.91 -14.16
C SER C 94 -1.93 10.38 -12.83
N GLU C 95 -1.19 11.50 -12.85
CA GLU C 95 -0.60 12.03 -11.63
C GLU C 95 -1.71 12.37 -10.63
N ASP C 96 -1.47 12.12 -9.36
CA ASP C 96 -2.50 12.24 -8.34
C ASP C 96 -2.70 13.68 -7.87
N ILE C 97 -2.94 14.58 -8.82
CA ILE C 97 -3.29 15.96 -8.52
C ILE C 97 -4.51 16.34 -9.38
N PRO C 98 -5.26 17.37 -8.98
CA PRO C 98 -6.49 17.72 -9.71
C PRO C 98 -6.25 18.20 -11.13
N ALA C 99 -5.07 18.75 -11.36
CA ALA C 99 -4.70 19.40 -12.60
C ALA C 99 -3.27 19.86 -12.40
N PRO C 100 -2.59 20.30 -13.47
CA PRO C 100 -1.23 20.80 -13.25
C PRO C 100 -1.18 21.87 -12.16
N LEU C 101 -0.15 21.82 -11.32
CA LEU C 101 -0.08 22.77 -10.22
C LEU C 101 -0.04 24.20 -10.76
N GLY C 102 -0.80 25.07 -10.11
CA GLY C 102 -0.86 26.47 -10.45
C GLY C 102 -2.07 26.92 -11.26
N VAL C 103 -2.75 26.02 -11.98
CA VAL C 103 -3.83 26.48 -12.86
C VAL C 103 -4.96 27.12 -12.05
N PRO C 104 -5.73 28.01 -12.69
CA PRO C 104 -6.84 28.68 -11.98
C PRO C 104 -7.81 27.71 -11.31
N ASP C 105 -8.24 28.05 -10.10
CA ASP C 105 -9.14 27.20 -9.31
C ASP C 105 -10.53 27.80 -9.16
N PHE C 106 -10.87 28.72 -10.05
CA PHE C 106 -12.17 29.40 -10.02
C PHE C 106 -12.73 29.55 -11.41
N GLN C 107 -14.04 29.72 -11.47
CA GLN C 107 -14.72 30.09 -12.70
C GLN C 107 -14.48 31.55 -13.01
N GLY C 108 -14.09 31.83 -14.26
CA GLY C 108 -13.94 33.20 -14.70
C GLY C 108 -13.28 33.28 -16.05
N ARG C 109 -13.08 34.51 -16.51
CA ARG C 109 -12.39 34.78 -17.76
C ARG C 109 -11.05 35.42 -17.43
N VAL C 110 -10.03 34.59 -17.31
CA VAL C 110 -8.72 35.08 -16.87
C VAL C 110 -8.03 35.76 -18.03
N PHE C 111 -7.54 36.98 -17.77
CA PHE C 111 -6.86 37.77 -18.78
C PHE C 111 -5.37 37.81 -18.48
N GLY C 112 -4.57 37.69 -19.53
CA GLY C 112 -3.13 37.80 -19.38
C GLY C 112 -2.51 37.91 -20.74
N VAL C 113 -1.21 37.63 -20.80
CA VAL C 113 -0.47 37.66 -22.04
C VAL C 113 0.13 36.29 -22.32
N ILE C 114 -0.09 35.82 -23.54
CA ILE C 114 0.53 34.59 -24.02
C ILE C 114 1.79 35.01 -24.80
N THR C 115 2.94 34.45 -24.43
CA THR C 115 4.17 34.68 -25.19
C THR C 115 4.71 33.36 -25.72
N GLN C 116 5.45 33.43 -26.81
CA GLN C 116 5.92 32.27 -27.52
C GLN C 116 7.34 32.48 -28.00
N ARG C 117 8.23 31.57 -27.62
CA ARG C 117 9.63 31.58 -28.08
C ARG C 117 9.89 30.29 -28.84
N ASP C 118 10.27 30.41 -30.11
CA ASP C 118 10.44 29.22 -30.93
C ASP C 118 11.57 28.31 -30.41
N LYS C 119 11.40 27.02 -30.65
CA LYS C 119 12.31 26.00 -30.13
C LYS C 119 13.66 25.96 -30.83
N GLN C 120 13.67 26.43 -32.07
CA GLN C 120 14.88 26.40 -32.89
C GLN C 120 15.13 27.78 -33.50
N ASN C 121 16.38 28.05 -33.83
CA ASN C 121 16.75 29.28 -34.52
C ASN C 121 16.57 29.12 -36.02
N ALA C 122 16.14 30.19 -36.69
CA ALA C 122 16.14 30.23 -38.15
C ALA C 122 17.55 30.38 -38.68
N ALA C 123 17.75 29.99 -39.93
CA ALA C 123 19.05 30.14 -40.56
C ALA C 123 19.45 31.61 -40.56
N GLY C 124 20.67 31.90 -40.15
CA GLY C 124 21.16 33.27 -40.12
C GLY C 124 20.82 34.03 -38.86
N GLN C 125 20.16 33.36 -37.91
CA GLN C 125 19.77 33.98 -36.64
C GLN C 125 20.44 33.21 -35.51
N SER C 126 21.01 33.93 -34.56
CA SER C 126 21.66 33.32 -33.40
C SER C 126 20.67 33.14 -32.24
N GLN C 127 19.48 33.72 -32.38
CA GLN C 127 18.47 33.67 -31.32
C GLN C 127 17.11 33.34 -31.93
N PRO C 128 16.22 32.74 -31.13
CA PRO C 128 14.91 32.34 -31.61
C PRO C 128 13.96 33.51 -31.84
N ALA C 129 12.98 33.32 -32.70
CA ALA C 129 11.93 34.33 -32.92
C ALA C 129 10.92 34.33 -31.78
N ASN C 130 10.27 35.46 -31.57
CA ASN C 130 9.31 35.63 -30.49
C ASN C 130 8.04 36.33 -30.94
N ARG C 131 6.93 36.02 -30.27
CA ARG C 131 5.69 36.75 -30.49
C ARG C 131 4.86 36.60 -29.22
N GLY C 132 3.96 37.55 -29.01
CA GLY C 132 3.08 37.49 -27.86
C GLY C 132 1.86 38.36 -28.03
N HIS C 133 0.77 37.99 -27.35
CA HIS C 133 -0.48 38.70 -27.50
C HIS C 133 -1.30 38.58 -26.23
N ASP C 134 -2.15 39.57 -25.98
CA ASP C 134 -3.17 39.46 -24.94
C ASP C 134 -3.99 38.21 -25.19
N ALA C 135 -4.36 37.53 -24.11
CA ALA C 135 -5.17 36.32 -24.22
C ALA C 135 -6.18 36.22 -23.09
N VAL C 136 -7.28 35.54 -23.38
CA VAL C 136 -8.28 35.23 -22.36
C VAL C 136 -8.38 33.72 -22.24
N VAL C 137 -8.44 33.26 -20.99
CA VAL C 137 -8.57 31.85 -20.67
C VAL C 137 -9.86 31.67 -19.90
N PRO C 138 -10.93 31.21 -20.57
CA PRO C 138 -12.16 30.93 -19.83
C PRO C 138 -11.99 29.63 -19.05
N THR C 139 -12.41 29.60 -17.79
CA THR C 139 -12.18 28.42 -16.96
C THR C 139 -13.47 27.69 -16.64
N TYR C 140 -14.60 28.24 -17.10
CA TYR C 140 -15.93 27.72 -16.78
C TYR C 140 -16.57 26.94 -17.92
N THR C 141 -15.90 26.89 -19.08
CA THR C 141 -16.45 26.21 -20.26
C THR C 141 -15.87 24.81 -20.41
N ALA C 142 -16.47 24.03 -21.31
CA ALA C 142 -16.03 22.67 -21.56
C ALA C 142 -14.63 22.63 -22.18
N GLN C 143 -14.16 23.76 -22.68
CA GLN C 143 -12.82 23.83 -23.29
C GLN C 143 -11.69 23.88 -22.27
N TYR C 144 -12.02 24.21 -21.03
CA TYR C 144 -11.03 24.24 -19.96
C TYR C 144 -10.89 22.86 -19.33
N THR C 145 -9.97 22.05 -19.86
CA THR C 145 -9.75 20.69 -19.36
C THR C 145 -8.27 20.44 -19.08
N PRO C 146 -7.68 21.21 -18.16
CA PRO C 146 -6.25 21.05 -17.87
C PRO C 146 -5.87 19.66 -17.36
N LYS C 147 -6.78 18.98 -16.68
CA LYS C 147 -6.49 17.62 -16.21
C LYS C 147 -6.41 16.63 -17.36
N LEU C 148 -7.11 16.92 -18.47
CA LEU C 148 -6.99 16.12 -19.69
C LEU C 148 -5.83 16.59 -20.54
N GLY C 149 -5.19 17.68 -20.12
CA GLY C 149 -3.99 18.18 -20.76
C GLY C 149 -4.20 19.28 -21.79
N GLN C 150 -5.40 19.85 -21.85
CA GLN C 150 -5.69 20.89 -22.85
C GLN C 150 -6.56 22.03 -22.32
N VAL C 151 -6.20 23.26 -22.69
CA VAL C 151 -7.07 24.41 -22.48
C VAL C 151 -7.16 25.17 -23.79
N GLN C 152 -8.17 26.02 -23.91
CA GLN C 152 -8.34 26.85 -25.09
C GLN C 152 -8.21 28.30 -24.68
N ILE C 153 -7.55 29.09 -25.51
CA ILE C 153 -7.38 30.51 -25.26
C ILE C 153 -7.92 31.31 -26.44
N GLY C 154 -8.26 32.56 -26.19
CA GLY C 154 -8.67 33.48 -27.25
C GLY C 154 -7.78 34.71 -27.26
N THR C 155 -7.42 35.20 -28.45
CA THR C 155 -6.54 36.35 -28.59
C THR C 155 -7.18 37.47 -29.43
N ASP C 160 0.06 36.08 -35.31
CA ASP C 160 -0.62 34.91 -34.76
C ASP C 160 0.30 34.17 -33.80
N LEU C 161 -0.02 32.90 -33.55
CA LEU C 161 0.84 32.00 -32.78
C LEU C 161 1.15 30.78 -33.64
N LYS C 162 2.33 30.20 -33.46
CA LYS C 162 2.75 29.03 -34.22
C LYS C 162 2.34 27.75 -33.54
N VAL C 163 1.92 26.77 -34.34
CA VAL C 163 1.60 25.45 -33.81
C VAL C 163 2.88 24.70 -33.45
N ASN C 164 2.80 23.88 -32.41
CA ASN C 164 3.93 23.07 -31.95
C ASN C 164 5.15 23.92 -31.58
N GLN C 165 4.88 25.12 -31.08
CA GLN C 165 5.89 25.96 -30.43
C GLN C 165 5.41 26.28 -29.02
N PRO C 166 6.34 26.34 -28.05
CA PRO C 166 5.95 26.48 -26.65
C PRO C 166 5.43 27.86 -26.30
N VAL C 167 4.47 27.90 -25.37
CA VAL C 167 3.92 29.16 -24.87
C VAL C 167 4.00 29.25 -23.36
N LYS C 168 3.97 30.48 -22.89
CA LYS C 168 3.81 30.80 -21.47
C LYS C 168 2.63 31.73 -21.34
N PHE C 169 1.76 31.47 -20.37
CA PHE C 169 0.70 32.40 -20.04
C PHE C 169 1.03 33.13 -18.75
N THR C 170 1.15 34.45 -18.86
CA THR C 170 1.37 35.30 -17.70
C THR C 170 0.04 35.96 -17.32
N PRO C 171 -0.51 35.61 -16.15
CA PRO C 171 -1.80 36.20 -15.79
C PRO C 171 -1.67 37.67 -15.40
N VAL C 172 -2.71 38.46 -15.67
CA VAL C 172 -2.74 39.87 -15.27
C VAL C 172 -3.99 40.18 -14.45
N GLY C 173 -5.14 39.66 -14.85
CA GLY C 173 -6.36 39.90 -14.11
C GLY C 173 -7.49 39.12 -14.70
N LEU C 174 -8.70 39.69 -14.66
CA LEU C 174 -9.85 39.13 -15.35
C LEU C 174 -10.14 39.98 -16.57
N ASN C 175 -10.68 39.37 -17.62
CA ASN C 175 -11.05 40.14 -18.79
C ASN C 175 -12.21 41.06 -18.46
N ASP C 176 -13.13 40.51 -17.66
CA ASP C 176 -14.34 41.18 -17.23
C ASP C 176 -14.91 40.30 -16.12
N THR C 177 -16.03 40.68 -15.53
CA THR C 177 -16.58 39.94 -14.40
C THR C 177 -17.58 38.87 -14.82
N GLU C 178 -17.83 38.73 -16.12
CA GLU C 178 -18.77 37.73 -16.59
C GLU C 178 -18.30 36.33 -16.20
N HIS C 179 -19.19 35.58 -15.56
CA HIS C 179 -18.93 34.20 -15.14
C HIS C 179 -17.84 34.07 -14.09
N PHE C 180 -17.53 35.17 -13.40
CA PHE C 180 -16.54 35.12 -12.33
C PHE C 180 -17.16 34.67 -11.01
N ASN C 181 -16.94 33.41 -10.67
CA ASN C 181 -17.46 32.82 -9.44
C ASN C 181 -16.30 32.17 -8.69
N GLN C 182 -15.73 32.92 -7.75
CA GLN C 182 -14.44 32.54 -7.19
C GLN C 182 -14.49 31.26 -6.35
N TRP C 183 -15.68 30.85 -5.92
CA TRP C 183 -15.81 29.66 -5.08
C TRP C 183 -16.34 28.44 -5.83
N VAL C 184 -16.50 28.56 -7.15
CA VAL C 184 -16.87 27.40 -7.95
C VAL C 184 -15.61 26.82 -8.59
N VAL C 185 -15.23 25.64 -8.15
CA VAL C 185 -14.03 24.98 -8.69
C VAL C 185 -14.31 24.50 -10.11
N PRO C 186 -13.40 24.77 -11.06
CA PRO C 186 -13.64 24.29 -12.43
C PRO C 186 -13.76 22.78 -12.54
N ARG C 187 -14.38 22.30 -13.62
CA ARG C 187 -14.33 20.89 -13.95
CA ARG C 187 -14.33 20.88 -13.93
C ARG C 187 -13.01 20.64 -14.67
N TYR C 188 -11.97 20.33 -13.92
CA TYR C 188 -10.63 20.23 -14.50
C TYR C 188 -10.51 19.21 -15.64
N ALA C 189 -11.39 18.20 -15.65
CA ALA C 189 -11.36 17.17 -16.68
C ALA C 189 -12.66 17.15 -17.49
N GLY C 190 -13.40 18.26 -17.45
CA GLY C 190 -14.65 18.36 -18.16
C GLY C 190 -15.81 17.75 -17.38
N ALA C 191 -17.01 17.92 -17.91
CA ALA C 191 -18.24 17.51 -17.22
C ALA C 191 -18.42 15.99 -17.12
N LEU C 192 -17.70 15.26 -17.96
CA LEU C 192 -17.82 13.81 -17.96
C LEU C 192 -17.06 13.16 -16.79
N ASN C 193 -16.12 13.90 -16.20
CA ASN C 193 -15.26 13.36 -15.15
C ASN C 193 -15.34 14.13 -13.84
N LEU C 194 -15.42 13.40 -12.74
CA LEU C 194 -15.31 14.02 -11.42
C LEU C 194 -13.89 14.58 -11.25
N ASN C 195 -13.77 15.69 -10.53
CA ASN C 195 -12.46 16.16 -10.09
C ASN C 195 -11.88 15.13 -9.14
N THR C 196 -10.56 15.02 -9.11
CA THR C 196 -9.88 14.06 -8.25
C THR C 196 -8.78 14.73 -7.45
N ASN C 197 -8.43 14.11 -6.33
CA ASN C 197 -7.33 14.57 -5.49
C ASN C 197 -7.48 16.03 -5.04
N LEU C 198 -8.72 16.48 -4.83
CA LEU C 198 -8.96 17.85 -4.38
C LEU C 198 -8.55 18.08 -2.95
N ALA C 199 -8.05 19.28 -2.66
CA ALA C 199 -7.95 19.76 -1.29
C ALA C 199 -9.36 19.79 -0.71
N PRO C 200 -9.52 19.36 0.55
CA PRO C 200 -10.89 19.24 1.08
C PRO C 200 -11.57 20.58 1.29
N SER C 201 -12.91 20.55 1.31
CA SER C 201 -13.66 21.75 1.64
C SER C 201 -13.39 22.17 3.09
N VAL C 202 -13.48 23.47 3.35
CA VAL C 202 -13.31 24.00 4.70
C VAL C 202 -14.51 24.85 5.07
N ALA C 203 -14.84 24.87 6.35
CA ALA C 203 -15.98 25.65 6.83
C ALA C 203 -15.87 25.88 8.33
N PRO C 204 -16.47 26.98 8.81
CA PRO C 204 -16.63 27.13 10.26
C PRO C 204 -17.57 26.06 10.80
N VAL C 205 -17.33 25.57 12.01
CA VAL C 205 -18.25 24.62 12.63
C VAL C 205 -18.72 25.07 14.02
N PHE C 206 -18.34 26.30 14.38
CA PHE C 206 -18.76 26.91 15.63
C PHE C 206 -19.77 28.00 15.29
N PRO C 207 -20.99 27.94 15.84
CA PRO C 207 -21.96 28.97 15.44
C PRO C 207 -21.46 30.38 15.74
N GLY C 208 -21.63 31.29 14.77
CA GLY C 208 -21.23 32.67 14.95
C GLY C 208 -19.81 32.92 14.47
N GLU C 209 -19.08 31.86 14.12
CA GLU C 209 -17.79 32.03 13.44
C GLU C 209 -17.97 32.13 11.94
N ARG C 210 -17.07 32.86 11.30
CA ARG C 210 -17.03 32.88 9.85
C ARG C 210 -15.59 32.87 9.35
N LEU C 211 -15.42 32.59 8.07
CA LEU C 211 -14.07 32.53 7.50
C LEU C 211 -13.44 33.90 7.48
N LEU C 212 -12.14 33.92 7.73
CA LEU C 212 -11.34 35.13 7.59
C LEU C 212 -10.47 34.97 6.35
N PHE C 213 -10.61 35.88 5.40
CA PHE C 213 -9.91 35.78 4.12
C PHE C 213 -8.81 36.82 4.00
N PHE C 214 -7.80 36.50 3.21
CA PHE C 214 -6.84 37.48 2.74
C PHE C 214 -7.26 37.83 1.31
N ARG C 215 -7.70 39.08 1.13
CA ARG C 215 -8.37 39.50 -0.09
C ARG C 215 -7.50 40.39 -0.98
N SER C 216 -7.59 40.16 -2.28
CA SER C 216 -7.04 41.06 -3.27
C SER C 216 -8.11 41.48 -4.26
N TYR C 217 -8.03 42.72 -4.71
CA TYR C 217 -8.91 43.20 -5.76
C TYR C 217 -8.16 43.12 -7.09
N LEU C 218 -8.58 42.18 -7.93
CA LEU C 218 -7.90 41.87 -9.20
C LEU C 218 -8.08 42.95 -10.25
N PRO C 219 -7.04 43.15 -11.08
CA PRO C 219 -7.24 44.01 -12.24
C PRO C 219 -8.30 43.49 -13.21
N LEU C 220 -8.91 44.42 -13.92
CA LEU C 220 -9.84 44.12 -15.00
C LEU C 220 -9.36 44.75 -16.30
N LYS C 221 -9.49 44.02 -17.41
CA LYS C 221 -9.18 44.56 -18.73
C LYS C 221 -10.23 45.58 -19.16
N GLY C 222 -11.48 45.33 -18.77
CA GLY C 222 -12.57 46.21 -19.16
C GLY C 222 -13.84 45.98 -18.38
N GLY C 223 -14.83 46.81 -18.63
CA GLY C 223 -16.13 46.70 -17.99
C GLY C 223 -16.14 47.30 -16.60
N TYR C 224 -17.28 47.22 -15.94
CA TYR C 224 -17.40 47.66 -14.56
C TYR C 224 -17.05 46.53 -13.62
N GLY C 225 -16.56 46.86 -12.44
CA GLY C 225 -16.22 45.85 -11.46
C GLY C 225 -15.08 46.23 -10.54
N ASN C 226 -15.09 45.61 -9.37
CA ASN C 226 -13.98 45.63 -8.43
C ASN C 226 -13.84 44.23 -7.85
N PRO C 227 -13.49 43.26 -8.70
CA PRO C 227 -13.57 41.82 -8.36
C PRO C 227 -12.57 41.41 -7.28
N ALA C 228 -13.06 40.63 -6.32
CA ALA C 228 -12.29 40.18 -5.19
C ALA C 228 -11.91 38.72 -5.34
N ILE C 229 -10.67 38.40 -5.03
CA ILE C 229 -10.26 37.02 -4.87
C ILE C 229 -9.73 36.87 -3.45
N ASP C 230 -10.38 35.94 -2.75
CA ASP C 230 -10.12 35.65 -1.35
C ASP C 230 -9.31 34.36 -1.22
N CYS C 231 -8.19 34.41 -0.50
CA CYS C 231 -7.44 33.18 -0.22
C CYS C 231 -7.44 32.86 1.28
N LEU C 232 -7.25 31.57 1.56
CA LEU C 232 -7.28 31.06 2.93
C LEU C 232 -5.99 31.33 3.67
N LEU C 233 -4.88 31.28 2.92
CA LEU C 233 -3.55 31.48 3.45
C LEU C 233 -2.80 32.36 2.47
N PRO C 234 -2.07 33.37 2.97
CA PRO C 234 -1.14 34.04 2.05
C PRO C 234 -0.10 33.08 1.51
N GLN C 235 0.44 33.39 0.34
CA GLN C 235 1.42 32.51 -0.27
C GLN C 235 2.64 32.36 0.63
N GLU C 236 3.03 33.42 1.35
CA GLU C 236 4.19 33.34 2.24
C GLU C 236 3.95 32.39 3.41
N TRP C 237 2.70 32.26 3.85
CA TRP C 237 2.39 31.29 4.89
C TRP C 237 2.55 29.86 4.36
N VAL C 238 2.05 29.61 3.16
CA VAL C 238 2.24 28.31 2.53
C VAL C 238 3.73 27.99 2.48
N GLN C 239 4.52 28.97 2.02
CA GLN C 239 5.95 28.76 1.87
C GLN C 239 6.62 28.48 3.21
N HIS C 240 6.22 29.22 4.23
CA HIS C 240 6.75 29.05 5.58
C HIS C 240 6.40 27.69 6.17
N PHE C 241 5.15 27.27 6.05
CA PHE C 241 4.74 26.00 6.64
C PHE C 241 5.49 24.85 5.97
N TYR C 242 5.64 24.94 4.66
CA TYR C 242 6.39 23.92 3.94
C TYR C 242 7.83 23.87 4.44
N GLN C 243 8.46 25.03 4.61
CA GLN C 243 9.84 25.05 5.14
C GLN C 243 9.99 24.45 6.52
N GLU C 244 9.09 24.84 7.44
CA GLU C 244 9.24 24.48 8.84
C GLU C 244 8.83 23.05 9.12
N ALA C 245 7.75 22.61 8.47
CA ALA C 245 7.22 21.26 8.67
C ALA C 245 7.04 20.97 10.16
N ALA C 246 6.46 21.93 10.87
CA ALA C 246 6.25 21.80 12.30
C ALA C 246 5.03 20.94 12.59
N PRO C 247 5.17 19.92 13.46
CA PRO C 247 4.00 19.07 13.73
C PRO C 247 2.86 19.81 14.41
N SER C 248 1.63 19.54 13.96
CA SER C 248 0.44 20.11 14.58
C SER C 248 0.05 19.31 15.81
N MET C 249 -0.12 19.99 16.94
CA MET C 249 -0.41 19.32 18.21
C MET C 249 -1.90 19.27 18.51
N SER C 250 -2.70 19.94 17.70
CA SER C 250 -4.16 19.85 17.82
C SER C 250 -4.77 20.27 16.48
N GLU C 251 -6.10 20.23 16.40
CA GLU C 251 -6.77 20.61 15.17
C GLU C 251 -6.87 22.13 14.99
N VAL C 252 -6.60 22.88 16.05
CA VAL C 252 -6.74 24.33 16.02
C VAL C 252 -5.59 25.03 16.71
N ALA C 253 -4.97 25.97 16.00
CA ALA C 253 -3.98 26.86 16.58
C ALA C 253 -4.62 28.20 16.86
N LEU C 254 -4.55 28.65 18.11
CA LEU C 254 -5.02 29.97 18.46
C LEU C 254 -3.96 30.99 18.06
N VAL C 255 -4.35 31.97 17.26
CA VAL C 255 -3.44 33.01 16.82
C VAL C 255 -4.05 34.37 17.18
N ARG C 256 -3.18 35.34 17.43
CA ARG C 256 -3.62 36.68 17.79
C ARG C 256 -2.96 37.71 16.89
N TYR C 257 -3.74 38.71 16.48
CA TYR C 257 -3.22 39.79 15.66
C TYR C 257 -2.65 40.85 16.59
N ILE C 258 -1.34 41.06 16.50
CA ILE C 258 -0.61 41.90 17.44
C ILE C 258 -0.24 43.25 16.85
N ASN C 259 -0.37 44.29 17.66
CA ASN C 259 0.27 45.56 17.39
C ASN C 259 1.65 45.55 18.05
N PRO C 260 2.72 45.45 17.23
CA PRO C 260 4.07 45.21 17.77
C PRO C 260 4.62 46.31 18.68
N ASP C 261 4.28 47.56 18.41
CA ASP C 261 4.85 48.64 19.20
C ASP C 261 4.23 48.70 20.59
N THR C 262 2.96 48.30 20.73
CA THR C 262 2.34 48.15 22.05
C THR C 262 2.47 46.73 22.59
N GLY C 263 2.46 45.75 21.70
CA GLY C 263 2.51 44.34 22.11
C GLY C 263 1.13 43.78 22.42
N ARG C 264 0.10 44.61 22.31
CA ARG C 264 -1.28 44.20 22.60
C ARG C 264 -1.89 43.39 21.45
N ALA C 265 -2.74 42.42 21.81
CA ALA C 265 -3.52 41.68 20.83
C ALA C 265 -4.79 42.44 20.48
N LEU C 266 -4.99 42.67 19.19
CA LEU C 266 -6.16 43.41 18.71
C LEU C 266 -7.35 42.49 18.51
N PHE C 267 -7.10 41.28 18.03
CA PHE C 267 -8.16 40.27 17.94
C PHE C 267 -7.53 38.89 17.85
N GLU C 268 -8.35 37.85 18.01
CA GLU C 268 -7.85 36.49 17.92
C GLU C 268 -8.63 35.70 16.89
N ALA C 269 -8.01 34.64 16.40
CA ALA C 269 -8.58 33.81 15.35
C ALA C 269 -8.17 32.37 15.55
N LYS C 270 -8.93 31.45 14.94
CA LYS C 270 -8.56 30.06 14.91
C LYS C 270 -7.86 29.77 13.59
N LEU C 271 -6.66 29.21 13.69
CA LEU C 271 -5.94 28.75 12.51
C LEU C 271 -6.02 27.23 12.51
N HIS C 272 -6.84 26.70 11.60
CA HIS C 272 -7.17 25.28 11.61
C HIS C 272 -6.08 24.45 10.93
N ARG C 273 -5.93 23.20 11.38
CA ARG C 273 -4.87 22.32 10.89
C ARG C 273 -4.90 22.20 9.37
N ALA C 274 -6.09 22.21 8.80
CA ALA C 274 -6.25 22.06 7.36
C ALA C 274 -5.71 23.26 6.58
N GLY C 275 -5.54 24.39 7.28
CA GLY C 275 -4.94 25.58 6.69
C GLY C 275 -5.94 26.64 6.29
N PHE C 276 -6.67 27.15 7.28
CA PHE C 276 -7.62 28.24 7.07
C PHE C 276 -7.95 28.87 8.41
N MET C 277 -8.50 30.07 8.39
CA MET C 277 -8.80 30.80 9.62
CA MET C 277 -8.80 30.76 9.64
C MET C 277 -10.28 31.12 9.77
N THR C 278 -10.75 31.14 11.01
CA THR C 278 -12.08 31.60 11.33
C THR C 278 -11.99 32.60 12.47
N VAL C 279 -12.98 33.49 12.51
CA VAL C 279 -13.10 34.49 13.57
C VAL C 279 -14.53 34.54 14.06
N SER C 280 -14.70 35.09 15.25
CA SER C 280 -16.03 35.36 15.78
C SER C 280 -16.49 36.73 15.30
N SER C 281 -17.40 36.75 14.33
CA SER C 281 -17.87 38.01 13.78
C SER C 281 -19.26 37.93 13.17
N ASN C 282 -20.05 38.97 13.36
CA ASN C 282 -21.41 39.05 12.84
C ASN C 282 -21.53 39.83 11.54
N THR C 283 -20.41 40.38 11.08
CA THR C 283 -20.40 41.19 9.87
C THR C 283 -19.42 40.69 8.83
N SER C 284 -19.77 40.90 7.56
CA SER C 284 -18.87 40.68 6.44
C SER C 284 -18.36 42.03 5.98
N ALA C 285 -17.07 42.27 6.17
CA ALA C 285 -16.51 43.57 5.90
C ALA C 285 -15.00 43.50 5.93
N PRO C 286 -14.34 44.55 5.42
CA PRO C 286 -12.89 44.62 5.59
C PRO C 286 -12.54 44.74 7.06
N VAL C 287 -11.46 44.09 7.47
CA VAL C 287 -10.95 44.23 8.82
C VAL C 287 -9.97 45.38 8.85
N VAL C 288 -10.26 46.40 9.66
CA VAL C 288 -9.41 47.58 9.73
C VAL C 288 -8.37 47.39 10.83
N VAL C 289 -7.10 47.40 10.43
CA VAL C 289 -5.99 47.11 11.34
C VAL C 289 -4.82 48.03 11.05
N PRO C 290 -3.95 48.24 12.05
CA PRO C 290 -2.77 49.07 11.83
C PRO C 290 -1.80 48.44 10.84
N ALA C 291 -1.07 49.27 10.11
CA ALA C 291 -0.20 48.78 9.04
C ALA C 291 0.92 47.86 9.55
N ASN C 292 1.33 48.05 10.81
CA ASN C 292 2.45 47.28 11.35
C ASN C 292 2.04 45.97 12.02
N GLY C 293 0.74 45.68 12.05
CA GLY C 293 0.25 44.49 12.73
C GLY C 293 0.51 43.18 12.00
N TYR C 294 0.52 42.08 12.77
CA TYR C 294 0.67 40.74 12.19
C TYR C 294 0.23 39.67 13.17
N PHE C 295 -0.13 38.51 12.62
CA PHE C 295 -0.56 37.37 13.44
C PHE C 295 0.64 36.72 14.11
N ARG C 296 0.42 36.21 15.32
CA ARG C 296 1.42 35.42 16.04
C ARG C 296 0.74 34.20 16.64
N PHE C 297 1.36 33.04 16.51
CA PHE C 297 0.87 31.82 17.13
C PHE C 297 0.96 31.90 18.65
N ASP C 298 -0.17 31.65 19.31
CA ASP C 298 -0.24 31.67 20.76
C ASP C 298 -0.12 30.27 21.34
N SER C 299 -1.09 29.42 21.02
CA SER C 299 -1.12 28.08 21.57
C SER C 299 -2.09 27.18 20.81
N TRP C 300 -1.98 25.88 21.03
CA TRP C 300 -2.90 24.92 20.46
C TRP C 300 -4.14 24.80 21.34
N VAL C 301 -5.31 24.93 20.74
CA VAL C 301 -6.57 24.78 21.45
C VAL C 301 -7.39 23.71 20.75
N ASN C 302 -8.71 23.76 20.88
CA ASN C 302 -9.58 22.79 20.21
C ASN C 302 -10.81 23.45 19.60
N GLN C 303 -11.63 22.65 18.93
CA GLN C 303 -12.80 23.14 18.21
C GLN C 303 -13.84 23.78 19.14
N PHE C 304 -13.79 23.43 20.43
CA PHE C 304 -14.75 23.95 21.40
C PHE C 304 -14.38 25.36 21.88
N TYR C 305 -13.15 25.78 21.65
CA TYR C 305 -12.67 27.08 22.09
C TYR C 305 -13.54 28.18 21.49
N SER C 306 -14.01 29.09 22.34
CA SER C 306 -14.87 30.18 21.89
C SER C 306 -14.05 31.46 21.75
N LEU C 307 -13.94 31.93 20.51
CA LEU C 307 -13.18 33.14 20.19
C LEU C 307 -13.85 34.39 20.73
N ALA C 308 -13.04 35.35 21.17
CA ALA C 308 -13.56 36.66 21.53
C ALA C 308 -14.07 37.37 20.28
N PRO C 309 -15.25 38.01 20.38
CA PRO C 309 -15.78 38.77 19.24
C PRO C 309 -14.80 39.82 18.73
N MET C 310 -14.76 40.03 17.42
CA MET C 310 -13.85 41.01 16.84
C MET C 310 -14.62 42.18 16.22
C1 EDO D . 10.17 -26.64 8.30
O1 EDO D . 10.41 -26.30 9.67
C2 EDO D . 11.14 -25.90 7.38
O2 EDO D . 10.90 -24.50 7.46
C1 EDO E . 18.45 -25.29 1.73
O1 EDO E . 18.33 -26.61 1.23
C2 EDO E . 17.22 -24.48 1.31
O2 EDO E . 16.03 -25.17 1.66
C1 EDO F . 2.80 -21.18 -8.71
O1 EDO F . 2.58 -22.19 -9.70
C2 EDO F . 1.50 -20.43 -8.43
O2 EDO F . 1.66 -19.62 -7.26
C1 EDO G . -13.93 -12.84 -6.98
O1 EDO G . -15.23 -12.90 -6.41
C2 EDO G . -12.89 -13.25 -5.93
O2 EDO G . -11.58 -13.03 -6.45
C1 EDO H . -6.57 -7.42 -5.78
O1 EDO H . -6.37 -7.78 -4.41
C2 EDO H . -5.57 -6.33 -6.16
O2 EDO H . -5.88 -5.08 -5.51
C1 EDO I . -0.79 18.64 -4.43
O1 EDO I . 0.02 17.71 -3.70
C2 EDO I . -0.29 20.05 -4.19
O2 EDO I . 1.09 20.14 -4.52
C1 EDO J . 5.48 22.01 -10.25
O1 EDO J . 4.81 23.24 -10.56
C2 EDO J . 6.72 21.90 -11.13
O2 EDO J . 6.36 21.91 -12.52
#